data_2HB2
# 
_entry.id   2HB2 
# 
_audit_conform.dict_name       mmcif_pdbx.dic 
_audit_conform.dict_version    5.387 
_audit_conform.dict_location   http://mmcif.pdb.org/dictionaries/ascii/mmcif_pdbx.dic 
# 
loop_
_database_2.database_id 
_database_2.database_code 
_database_2.pdbx_database_accession 
_database_2.pdbx_DOI 
PDB   2HB2         pdb_00002hb2 10.2210/pdb2hb2/pdb 
RCSB  RCSB038151   ?            ?                   
WWPDB D_1000038151 ?            ?                   
# 
loop_
_pdbx_audit_revision_history.ordinal 
_pdbx_audit_revision_history.data_content_type 
_pdbx_audit_revision_history.major_revision 
_pdbx_audit_revision_history.minor_revision 
_pdbx_audit_revision_history.revision_date 
1 'Structure model' 1 0 2007-06-26 
2 'Structure model' 1 1 2008-05-01 
3 'Structure model' 1 2 2011-07-13 
4 'Structure model' 1 3 2017-10-18 
5 'Structure model' 1 4 2021-10-20 
6 'Structure model' 1 5 2024-02-14 
# 
_pdbx_audit_revision_details.ordinal             1 
_pdbx_audit_revision_details.revision_ordinal    1 
_pdbx_audit_revision_details.data_content_type   'Structure model' 
_pdbx_audit_revision_details.provider            repository 
_pdbx_audit_revision_details.type                'Initial release' 
_pdbx_audit_revision_details.description         ? 
_pdbx_audit_revision_details.details             ? 
# 
loop_
_pdbx_audit_revision_group.ordinal 
_pdbx_audit_revision_group.revision_ordinal 
_pdbx_audit_revision_group.data_content_type 
_pdbx_audit_revision_group.group 
1 2 'Structure model' 'Version format compliance' 
2 3 'Structure model' 'Derived calculations'      
3 3 'Structure model' 'Version format compliance' 
4 4 'Structure model' Advisory                    
5 4 'Structure model' 'Refinement description'    
6 5 'Structure model' Advisory                    
7 5 'Structure model' 'Database references'       
8 6 'Structure model' 'Data collection'           
# 
loop_
_pdbx_audit_revision_category.ordinal 
_pdbx_audit_revision_category.revision_ordinal 
_pdbx_audit_revision_category.data_content_type 
_pdbx_audit_revision_category.category 
1 4 'Structure model' pdbx_unobs_or_zero_occ_atoms 
2 4 'Structure model' software                     
3 5 'Structure model' database_2                   
4 5 'Structure model' pdbx_unobs_or_zero_occ_atoms 
5 5 'Structure model' struct_ref_seq_dif           
6 6 'Structure model' chem_comp_atom               
7 6 'Structure model' chem_comp_bond               
# 
loop_
_pdbx_audit_revision_item.ordinal 
_pdbx_audit_revision_item.revision_ordinal 
_pdbx_audit_revision_item.data_content_type 
_pdbx_audit_revision_item.item 
1 5 'Structure model' '_database_2.pdbx_DOI'                
2 5 'Structure model' '_database_2.pdbx_database_accession' 
3 5 'Structure model' '_struct_ref_seq_dif.details'         
# 
_pdbx_database_status.entry_id                        2HB2 
_pdbx_database_status.deposit_site                    RCSB 
_pdbx_database_status.process_site                    RCSB 
_pdbx_database_status.recvd_initial_deposition_date   2006-06-13 
_pdbx_database_status.status_code                     REL 
_pdbx_database_status.status_code_sf                  REL 
_pdbx_database_status.status_code_mr                  ? 
_pdbx_database_status.SG_entry                        ? 
_pdbx_database_status.pdb_format_compatible           Y 
_pdbx_database_status.status_code_cs                  ? 
_pdbx_database_status.methods_development_category    ? 
_pdbx_database_status.status_code_nmr_data            ? 
# 
loop_
_pdbx_database_related.db_name 
_pdbx_database_related.db_id 
_pdbx_database_related.details 
_pdbx_database_related.content_type 
PDB 2AZC 'Structure of 6X mutant in complex with TL-3' unspecified 
PDB 2hb4 .                                             unspecified 
PDB 2hc0 .                                             unspecified 
# 
loop_
_audit_author.name 
_audit_author.pdbx_ordinal 
'Heaslet, H.' 1 
'Tam, K.'     2 
'Elder, J.H.' 3 
'Stout, C.D.' 4 
# 
_citation.id                        primary 
_citation.title                     'Conformational flexibility in the flap domains of ligand-free HIV protease.' 
_citation.journal_abbrev            'Acta Crystallogr.,Sect.D' 
_citation.journal_volume            63 
_citation.page_first                866 
_citation.page_last                 875 
_citation.year                      2007 
_citation.journal_id_ASTM           ABCRE6 
_citation.country                   DK 
_citation.journal_id_ISSN           0907-4449 
_citation.journal_id_CSD            0766 
_citation.book_publisher            ? 
_citation.pdbx_database_id_PubMed   17642513 
_citation.pdbx_database_id_DOI      10.1107/S0907444907029125 
# 
loop_
_citation_author.citation_id 
_citation_author.name 
_citation_author.ordinal 
_citation_author.identifier_ORCID 
primary 'Heaslet, H.'   1 ? 
primary 'Rosenfeld, R.' 2 ? 
primary 'Giffin, M.'    3 ? 
primary 'Lin, Y.C.'     4 ? 
primary 'Tam, K.'       5 ? 
primary 'Torbett, B.E.' 6 ? 
primary 'Elder, J.H.'   7 ? 
primary 'McRee, D.E.'   8 ? 
primary 'Stout, C.D.'   9 ? 
# 
loop_
_entity.id 
_entity.type 
_entity.src_method 
_entity.pdbx_description 
_entity.formula_weight 
_entity.pdbx_number_of_molecules 
_entity.pdbx_ec 
_entity.pdbx_mutation 
_entity.pdbx_fragment 
_entity.details 
1 polymer man Protease 10749.708 1  3.4.23.16 'L24I, M46I, F53L, L63P, V77I, V82A' 'residues 500-598' ? 
2 water   nat water    18.015    21 ?         ?                                    ?                  ? 
# 
_entity_poly.entity_id                      1 
_entity_poly.type                           'polypeptide(L)' 
_entity_poly.nstd_linkage                   no 
_entity_poly.nstd_monomer                   no 
_entity_poly.pdbx_seq_one_letter_code       
;PQITLWKRPLVTIKIGGQLKEALIDTGADDTVLEEMNLPGRWKPKIIGGIGGLIKVRQYDQIPIEICGHKAIGTVLIGPT
PANIIGRNLLTQIGCTLNF
;
_entity_poly.pdbx_seq_one_letter_code_can   
;PQITLWKRPLVTIKIGGQLKEALIDTGADDTVLEEMNLPGRWKPKIIGGIGGLIKVRQYDQIPIEICGHKAIGTVLIGPT
PANIIGRNLLTQIGCTLNF
;
_entity_poly.pdbx_strand_id                 A 
_entity_poly.pdbx_target_identifier         ? 
# 
_pdbx_entity_nonpoly.entity_id   2 
_pdbx_entity_nonpoly.name        water 
_pdbx_entity_nonpoly.comp_id     HOH 
# 
loop_
_entity_poly_seq.entity_id 
_entity_poly_seq.num 
_entity_poly_seq.mon_id 
_entity_poly_seq.hetero 
1 1  PRO n 
1 2  GLN n 
1 3  ILE n 
1 4  THR n 
1 5  LEU n 
1 6  TRP n 
1 7  LYS n 
1 8  ARG n 
1 9  PRO n 
1 10 LEU n 
1 11 VAL n 
1 12 THR n 
1 13 ILE n 
1 14 LYS n 
1 15 ILE n 
1 16 GLY n 
1 17 GLY n 
1 18 GLN n 
1 19 LEU n 
1 20 LYS n 
1 21 GLU n 
1 22 ALA n 
1 23 LEU n 
1 24 ILE n 
1 25 ASP n 
1 26 THR n 
1 27 GLY n 
1 28 ALA n 
1 29 ASP n 
1 30 ASP n 
1 31 THR n 
1 32 VAL n 
1 33 LEU n 
1 34 GLU n 
1 35 GLU n 
1 36 MET n 
1 37 ASN n 
1 38 LEU n 
1 39 PRO n 
1 40 GLY n 
1 41 ARG n 
1 42 TRP n 
1 43 LYS n 
1 44 PRO n 
1 45 LYS n 
1 46 ILE n 
1 47 ILE n 
1 48 GLY n 
1 49 GLY n 
1 50 ILE n 
1 51 GLY n 
1 52 GLY n 
1 53 LEU n 
1 54 ILE n 
1 55 LYS n 
1 56 VAL n 
1 57 ARG n 
1 58 GLN n 
1 59 TYR n 
1 60 ASP n 
1 61 GLN n 
1 62 ILE n 
1 63 PRO n 
1 64 ILE n 
1 65 GLU n 
1 66 ILE n 
1 67 CYS n 
1 68 GLY n 
1 69 HIS n 
1 70 LYS n 
1 71 ALA n 
1 72 ILE n 
1 73 GLY n 
1 74 THR n 
1 75 VAL n 
1 76 LEU n 
1 77 ILE n 
1 78 GLY n 
1 79 PRO n 
1 80 THR n 
1 81 PRO n 
1 82 ALA n 
1 83 ASN n 
1 84 ILE n 
1 85 ILE n 
1 86 GLY n 
1 87 ARG n 
1 88 ASN n 
1 89 LEU n 
1 90 LEU n 
1 91 THR n 
1 92 GLN n 
1 93 ILE n 
1 94 GLY n 
1 95 CYS n 
1 96 THR n 
1 97 LEU n 
1 98 ASN n 
1 99 PHE n 
# 
_entity_src_gen.entity_id                          1 
_entity_src_gen.pdbx_src_id                        1 
_entity_src_gen.pdbx_alt_source_flag               sample 
_entity_src_gen.pdbx_seq_type                      ? 
_entity_src_gen.pdbx_beg_seq_num                   ? 
_entity_src_gen.pdbx_end_seq_num                   ? 
_entity_src_gen.gene_src_common_name               ? 
_entity_src_gen.gene_src_genus                     Lentivirus 
_entity_src_gen.pdbx_gene_src_gene                 gal-pol 
_entity_src_gen.gene_src_species                   ? 
_entity_src_gen.gene_src_strain                    NL4-3 
_entity_src_gen.gene_src_tissue                    ? 
_entity_src_gen.gene_src_tissue_fraction           ? 
_entity_src_gen.gene_src_details                   ? 
_entity_src_gen.pdbx_gene_src_fragment             ? 
_entity_src_gen.pdbx_gene_src_scientific_name      'Human immunodeficiency virus 1' 
_entity_src_gen.pdbx_gene_src_ncbi_taxonomy_id     11676 
_entity_src_gen.pdbx_gene_src_variant              ? 
_entity_src_gen.pdbx_gene_src_cell_line            ? 
_entity_src_gen.pdbx_gene_src_atcc                 ? 
_entity_src_gen.pdbx_gene_src_organ                ? 
_entity_src_gen.pdbx_gene_src_organelle            ? 
_entity_src_gen.pdbx_gene_src_cell                 ? 
_entity_src_gen.pdbx_gene_src_cellular_location    ? 
_entity_src_gen.host_org_common_name               ? 
_entity_src_gen.pdbx_host_org_scientific_name      'Escherichia coli' 
_entity_src_gen.pdbx_host_org_ncbi_taxonomy_id     562 
_entity_src_gen.host_org_genus                     Escherichia 
_entity_src_gen.pdbx_host_org_gene                 ? 
_entity_src_gen.pdbx_host_org_organ                ? 
_entity_src_gen.host_org_species                   ? 
_entity_src_gen.pdbx_host_org_tissue               ? 
_entity_src_gen.pdbx_host_org_tissue_fraction      ? 
_entity_src_gen.pdbx_host_org_strain               'BL21.DE3, PLYS S' 
_entity_src_gen.pdbx_host_org_variant              ? 
_entity_src_gen.pdbx_host_org_cell_line            ? 
_entity_src_gen.pdbx_host_org_atcc                 ? 
_entity_src_gen.pdbx_host_org_culture_collection   ? 
_entity_src_gen.pdbx_host_org_cell                 ? 
_entity_src_gen.pdbx_host_org_organelle            ? 
_entity_src_gen.pdbx_host_org_cellular_location    ? 
_entity_src_gen.pdbx_host_org_vector_type          PLASMID 
_entity_src_gen.pdbx_host_org_vector               ? 
_entity_src_gen.host_org_details                   ? 
_entity_src_gen.expression_system_id               ? 
_entity_src_gen.plasmid_name                       'PET 21A+' 
_entity_src_gen.plasmid_details                    ? 
_entity_src_gen.pdbx_description                   ? 
# 
loop_
_chem_comp.id 
_chem_comp.type 
_chem_comp.mon_nstd_flag 
_chem_comp.name 
_chem_comp.pdbx_synonyms 
_chem_comp.formula 
_chem_comp.formula_weight 
ALA 'L-peptide linking' y ALANINE         ? 'C3 H7 N O2'     89.093  
ARG 'L-peptide linking' y ARGININE        ? 'C6 H15 N4 O2 1' 175.209 
ASN 'L-peptide linking' y ASPARAGINE      ? 'C4 H8 N2 O3'    132.118 
ASP 'L-peptide linking' y 'ASPARTIC ACID' ? 'C4 H7 N O4'     133.103 
CYS 'L-peptide linking' y CYSTEINE        ? 'C3 H7 N O2 S'   121.158 
GLN 'L-peptide linking' y GLUTAMINE       ? 'C5 H10 N2 O3'   146.144 
GLU 'L-peptide linking' y 'GLUTAMIC ACID' ? 'C5 H9 N O4'     147.129 
GLY 'peptide linking'   y GLYCINE         ? 'C2 H5 N O2'     75.067  
HIS 'L-peptide linking' y HISTIDINE       ? 'C6 H10 N3 O2 1' 156.162 
HOH non-polymer         . WATER           ? 'H2 O'           18.015  
ILE 'L-peptide linking' y ISOLEUCINE      ? 'C6 H13 N O2'    131.173 
LEU 'L-peptide linking' y LEUCINE         ? 'C6 H13 N O2'    131.173 
LYS 'L-peptide linking' y LYSINE          ? 'C6 H15 N2 O2 1' 147.195 
MET 'L-peptide linking' y METHIONINE      ? 'C5 H11 N O2 S'  149.211 
PHE 'L-peptide linking' y PHENYLALANINE   ? 'C9 H11 N O2'    165.189 
PRO 'L-peptide linking' y PROLINE         ? 'C5 H9 N O2'     115.130 
SER 'L-peptide linking' y SERINE          ? 'C3 H7 N O3'     105.093 
THR 'L-peptide linking' y THREONINE       ? 'C4 H9 N O3'     119.119 
TRP 'L-peptide linking' y TRYPTOPHAN      ? 'C11 H12 N2 O2'  204.225 
TYR 'L-peptide linking' y TYROSINE        ? 'C9 H11 N O3'    181.189 
VAL 'L-peptide linking' y VALINE          ? 'C5 H11 N O2'    117.146 
# 
loop_
_pdbx_poly_seq_scheme.asym_id 
_pdbx_poly_seq_scheme.entity_id 
_pdbx_poly_seq_scheme.seq_id 
_pdbx_poly_seq_scheme.mon_id 
_pdbx_poly_seq_scheme.ndb_seq_num 
_pdbx_poly_seq_scheme.pdb_seq_num 
_pdbx_poly_seq_scheme.auth_seq_num 
_pdbx_poly_seq_scheme.pdb_mon_id 
_pdbx_poly_seq_scheme.auth_mon_id 
_pdbx_poly_seq_scheme.pdb_strand_id 
_pdbx_poly_seq_scheme.pdb_ins_code 
_pdbx_poly_seq_scheme.hetero 
A 1 1  PRO 1  1  1  PRO PRO A . n 
A 1 2  GLN 2  2  2  GLN GLN A . n 
A 1 3  ILE 3  3  3  ILE ILE A . n 
A 1 4  THR 4  4  4  THR THR A . n 
A 1 5  LEU 5  5  5  LEU LEU A . n 
A 1 6  TRP 6  6  6  TRP TRP A . n 
A 1 7  LYS 7  7  7  LYS LYS A . n 
A 1 8  ARG 8  8  8  ARG ARG A . n 
A 1 9  PRO 9  9  9  PRO PRO A . n 
A 1 10 LEU 10 10 10 LEU LEU A . n 
A 1 11 VAL 11 11 11 VAL VAL A . n 
A 1 12 THR 12 12 12 THR THR A . n 
A 1 13 ILE 13 13 13 ILE ILE A . n 
A 1 14 LYS 14 14 14 LYS LYS A . n 
A 1 15 ILE 15 15 15 ILE ILE A . n 
A 1 16 GLY 16 16 16 GLY GLY A . n 
A 1 17 GLY 17 17 17 GLY GLY A . n 
A 1 18 GLN 18 18 18 GLN GLN A . n 
A 1 19 LEU 19 19 19 LEU LEU A . n 
A 1 20 LYS 20 20 20 LYS LYS A . n 
A 1 21 GLU 21 21 21 GLU GLU A . n 
A 1 22 ALA 22 22 22 ALA ALA A . n 
A 1 23 LEU 23 23 23 LEU LEU A . n 
A 1 24 ILE 24 24 24 ILE ILE A . n 
A 1 25 ASP 25 25 25 ASP ASP A . n 
A 1 26 THR 26 26 26 THR THR A . n 
A 1 27 GLY 27 27 27 GLY GLY A . n 
A 1 28 ALA 28 28 28 ALA ALA A . n 
A 1 29 ASP 29 29 29 ASP ASP A . n 
A 1 30 ASP 30 30 30 ASP ASP A . n 
A 1 31 THR 31 31 31 THR THR A . n 
A 1 32 VAL 32 32 32 VAL VAL A . n 
A 1 33 LEU 33 33 33 LEU LEU A . n 
A 1 34 GLU 34 34 34 GLU GLU A . n 
A 1 35 GLU 35 35 35 GLU GLU A . n 
A 1 36 MET 36 36 36 MET MET A . n 
A 1 37 ASN 37 37 37 ASN ASN A . n 
A 1 38 LEU 38 38 38 LEU LEU A . n 
A 1 39 PRO 39 39 39 PRO PRO A . n 
A 1 40 GLY 40 40 40 GLY GLY A . n 
A 1 41 ARG 41 41 41 ARG ARG A . n 
A 1 42 TRP 42 42 42 TRP TRP A . n 
A 1 43 LYS 43 43 43 LYS LYS A . n 
A 1 44 PRO 44 44 44 PRO PRO A . n 
A 1 45 LYS 45 45 45 LYS LYS A . n 
A 1 46 ILE 46 46 46 ILE ILE A . n 
A 1 47 ILE 47 47 47 ILE ILE A . n 
A 1 48 GLY 48 48 ?  ?   ?   A . n 
A 1 49 GLY 49 49 ?  ?   ?   A . n 
A 1 50 ILE 50 50 50 ILE ILE A . n 
A 1 51 GLY 51 51 51 GLY GLY A . n 
A 1 52 GLY 52 52 52 GLY GLY A . n 
A 1 53 LEU 53 53 53 LEU LEU A . n 
A 1 54 ILE 54 54 54 ILE ILE A . n 
A 1 55 LYS 55 55 55 LYS LYS A . n 
A 1 56 VAL 56 56 56 VAL VAL A . n 
A 1 57 ARG 57 57 57 ARG ARG A . n 
A 1 58 GLN 58 58 58 GLN GLN A . n 
A 1 59 TYR 59 59 59 TYR TYR A . n 
A 1 60 ASP 60 60 60 ASP ASP A . n 
A 1 61 GLN 61 61 61 GLN GLN A . n 
A 1 62 ILE 62 62 62 ILE ILE A . n 
A 1 63 PRO 63 63 63 PRO PRO A . n 
A 1 64 ILE 64 64 64 ILE ILE A . n 
A 1 65 GLU 65 65 65 GLU GLU A . n 
A 1 66 ILE 66 66 66 ILE ILE A . n 
A 1 67 CYS 67 67 67 CYS CYS A . n 
A 1 68 GLY 68 68 68 GLY GLY A . n 
A 1 69 HIS 69 69 69 HIS HIS A . n 
A 1 70 LYS 70 70 70 LYS LYS A . n 
A 1 71 ALA 71 71 71 ALA ALA A . n 
A 1 72 ILE 72 72 72 ILE ILE A . n 
A 1 73 GLY 73 73 73 GLY GLY A . n 
A 1 74 THR 74 74 74 THR THR A . n 
A 1 75 VAL 75 75 75 VAL VAL A . n 
A 1 76 LEU 76 76 76 LEU LEU A . n 
A 1 77 ILE 77 77 77 ILE ILE A . n 
A 1 78 GLY 78 78 78 GLY GLY A . n 
A 1 79 PRO 79 79 79 PRO PRO A . n 
A 1 80 THR 80 80 80 THR THR A . n 
A 1 81 PRO 81 81 81 PRO PRO A . n 
A 1 82 ALA 82 82 82 ALA ALA A . n 
A 1 83 ASN 83 83 83 ASN ASN A . n 
A 1 84 ILE 84 84 84 ILE ILE A . n 
A 1 85 ILE 85 85 85 ILE ILE A . n 
A 1 86 GLY 86 86 86 GLY GLY A . n 
A 1 87 ARG 87 87 87 ARG ARG A . n 
A 1 88 ASN 88 88 88 ASN ASN A . n 
A 1 89 LEU 89 89 89 LEU LEU A . n 
A 1 90 LEU 90 90 90 LEU LEU A . n 
A 1 91 THR 91 91 91 THR THR A . n 
A 1 92 GLN 92 92 92 GLN GLN A . n 
A 1 93 ILE 93 93 93 ILE ILE A . n 
A 1 94 GLY 94 94 94 GLY GLY A . n 
A 1 95 CYS 95 95 95 CYS CYS A . n 
A 1 96 THR 96 96 96 THR THR A . n 
A 1 97 LEU 97 97 97 LEU LEU A . n 
A 1 98 ASN 98 98 98 ASN ASN A . n 
A 1 99 PHE 99 99 99 PHE PHE A . n 
# 
loop_
_pdbx_nonpoly_scheme.asym_id 
_pdbx_nonpoly_scheme.entity_id 
_pdbx_nonpoly_scheme.mon_id 
_pdbx_nonpoly_scheme.ndb_seq_num 
_pdbx_nonpoly_scheme.pdb_seq_num 
_pdbx_nonpoly_scheme.auth_seq_num 
_pdbx_nonpoly_scheme.pdb_mon_id 
_pdbx_nonpoly_scheme.auth_mon_id 
_pdbx_nonpoly_scheme.pdb_strand_id 
_pdbx_nonpoly_scheme.pdb_ins_code 
B 2 HOH 1  100 1  HOH HOH A . 
B 2 HOH 2  101 2  HOH HOH A . 
B 2 HOH 3  102 3  HOH HOH A . 
B 2 HOH 4  103 4  HOH HOH A . 
B 2 HOH 5  104 5  HOH HOH A . 
B 2 HOH 6  105 6  HOH HOH A . 
B 2 HOH 7  106 7  HOH HOH A . 
B 2 HOH 8  107 8  HOH HOH A . 
B 2 HOH 9  108 9  HOH HOH A . 
B 2 HOH 10 109 10 HOH HOH A . 
B 2 HOH 11 110 11 HOH HOH A . 
B 2 HOH 12 111 12 HOH HOH A . 
B 2 HOH 13 112 13 HOH HOH A . 
B 2 HOH 14 113 14 HOH HOH A . 
B 2 HOH 15 114 15 HOH HOH A . 
B 2 HOH 16 115 16 HOH HOH A . 
B 2 HOH 17 116 17 HOH HOH A . 
B 2 HOH 18 117 18 HOH HOH A . 
B 2 HOH 19 118 19 HOH HOH A . 
B 2 HOH 20 119 20 HOH HOH A . 
B 2 HOH 21 120 21 HOH HOH A . 
# 
loop_
_pdbx_unobs_or_zero_occ_atoms.id 
_pdbx_unobs_or_zero_occ_atoms.PDB_model_num 
_pdbx_unobs_or_zero_occ_atoms.polymer_flag 
_pdbx_unobs_or_zero_occ_atoms.occupancy_flag 
_pdbx_unobs_or_zero_occ_atoms.auth_asym_id 
_pdbx_unobs_or_zero_occ_atoms.auth_comp_id 
_pdbx_unobs_or_zero_occ_atoms.auth_seq_id 
_pdbx_unobs_or_zero_occ_atoms.PDB_ins_code 
_pdbx_unobs_or_zero_occ_atoms.auth_atom_id 
_pdbx_unobs_or_zero_occ_atoms.label_alt_id 
_pdbx_unobs_or_zero_occ_atoms.label_asym_id 
_pdbx_unobs_or_zero_occ_atoms.label_comp_id 
_pdbx_unobs_or_zero_occ_atoms.label_seq_id 
_pdbx_unobs_or_zero_occ_atoms.label_atom_id 
1 1 Y 0 A LYS 14 ? NZ  ? A LYS 14 NZ  
2 1 Y 1 A ILE 50 ? CB  ? A ILE 50 CB  
3 1 Y 1 A ILE 50 ? CG1 ? A ILE 50 CG1 
4 1 Y 1 A ILE 50 ? CG2 ? A ILE 50 CG2 
5 1 Y 1 A ILE 50 ? CD1 ? A ILE 50 CD1 
# 
loop_
_software.name 
_software.version 
_software.date 
_software.type 
_software.contact_author 
_software.contact_author_email 
_software.classification 
_software.location 
_software.language 
_software.citation_id 
_software.pdbx_ordinal 
DENZO       .     ?                package 'Zbyszek Otwinowski' zbyszek@mix.swmed.edu    'data reduction'  
http://www.lnls.br/infra/linhasluz/denzo-hkl.htm ?          ? 1 
SCALEPACK   .     ?                package 'Zbyszek Otwinowski' zbyszek@mix.swmed.edu    'data scaling'    
http://www.lnls.br/infra/linhasluz/denzo-hkl.htm ?          ? 2 
CNS         1.1   ?                package 'Axel T. Brunger'    axel.brunger@yale.edu    refinement        
http://cns.csb.yale.edu/v1.1/                    Fortran_77 ? 3 
PDB_EXTRACT 2.000 'April. 3, 2006' package PDB                  sw-help@rcsb.rutgers.edu 'data extraction' 
http://pdb.rutgers.edu/software/                 C++        ? 4 
Blu-Ice     .     ?                ?       ?                    ?                        'data collection' ? ?          ? 5 
MOSFLM      .     ?                ?       ?                    ?                        'data reduction'  ? ?          ? 6 
CNS         .     ?                ?       ?                    ?                        phasing           ? ?          ? 7 
# 
_cell.length_a           49.671 
_cell.length_b           49.671 
_cell.length_c           109.613 
_cell.angle_alpha        90.000 
_cell.angle_beta         90.000 
_cell.angle_gamma        90.000 
_cell.entry_id           2HB2 
_cell.pdbx_unique_axis   ? 
_cell.Z_PDB              8 
_cell.length_a_esd       ? 
_cell.length_b_esd       ? 
_cell.length_c_esd       ? 
_cell.angle_alpha_esd    ? 
_cell.angle_beta_esd     ? 
_cell.angle_gamma_esd    ? 
# 
_symmetry.space_group_name_H-M             'P 41 21 2' 
_symmetry.entry_id                         2HB2 
_symmetry.pdbx_full_space_group_name_H-M   ? 
_symmetry.Int_Tables_number                92 
_symmetry.cell_setting                     ? 
_symmetry.space_group_name_Hall            ? 
# 
_exptl.crystals_number   1 
_exptl.entry_id          2HB2 
_exptl.method            'X-RAY DIFFRACTION' 
# 
_exptl_crystal.id                    1 
_exptl_crystal.density_Matthews      3.14 
_exptl_crystal.density_meas          ? 
_exptl_crystal.density_percent_sol   60.86 
_exptl_crystal.description           ? 
_exptl_crystal.F_000                 ? 
_exptl_crystal.preparation           ? 
# 
_exptl_crystal_grow.crystal_id      1 
_exptl_crystal_grow.method          'VAPOR DIFFUSION, HANGING DROP' 
_exptl_crystal_grow.pH              5.2 
_exptl_crystal_grow.temp            281.16 
_exptl_crystal_grow.temp_details    ? 
_exptl_crystal_grow.pdbx_details    '5% PEG 3350, 0.05M Na/K Tartrate, pH 5.2, VAPOR DIFFUSION, HANGING DROP, temperature 281.16K' 
_exptl_crystal_grow.pdbx_pH_range   . 
# 
_diffrn.id                     1 
_diffrn.ambient_temp           100 
_diffrn.ambient_temp_details   ? 
_diffrn.crystal_id             1 
# 
_diffrn_detector.diffrn_id              1 
_diffrn_detector.detector               CCD 
_diffrn_detector.type                   'ADSC QUANTUM 315' 
_diffrn_detector.pdbx_collection_date   2006-02-18 
_diffrn_detector.details                ? 
# 
_diffrn_radiation.diffrn_id                        1 
_diffrn_radiation.wavelength_id                    1 
_diffrn_radiation.pdbx_diffrn_protocol             'SINGLE WAVELENGTH' 
_diffrn_radiation.monochromator                    'Double crystal, parallel' 
_diffrn_radiation.pdbx_monochromatic_or_laue_m_l   M 
_diffrn_radiation.pdbx_scattering_type             x-ray 
# 
_diffrn_radiation_wavelength.id           1 
_diffrn_radiation_wavelength.wavelength   0.97944 
_diffrn_radiation_wavelength.wt           1.0 
# 
_diffrn_source.diffrn_id                   1 
_diffrn_source.source                      SYNCHROTRON 
_diffrn_source.type                        'SSRL BEAMLINE BL1-5' 
_diffrn_source.pdbx_wavelength             ? 
_diffrn_source.pdbx_wavelength_list        0.97944 
_diffrn_source.pdbx_synchrotron_site       SSRL 
_diffrn_source.pdbx_synchrotron_beamline   BL1-5 
# 
_reflns.entry_id                     2HB2 
_reflns.observed_criterion_sigma_F   2.0 
_reflns.observed_criterion_sigma_I   3.0 
_reflns.d_resolution_high            2.3 
_reflns.d_resolution_low             24.0 
_reflns.number_all                   6582 
_reflns.number_obs                   6506 
_reflns.percent_possible_obs         98.8 
_reflns.pdbx_Rmerge_I_obs            0.093 
_reflns.pdbx_Rsym_value              ? 
_reflns.pdbx_netI_over_sigmaI        13.7 
_reflns.B_iso_Wilson_estimate        ? 
_reflns.pdbx_redundancy              6.6 
_reflns.R_free_details               ? 
_reflns.limit_h_max                  ? 
_reflns.limit_h_min                  ? 
_reflns.limit_k_max                  ? 
_reflns.limit_k_min                  ? 
_reflns.limit_l_max                  ? 
_reflns.limit_l_min                  ? 
_reflns.observed_criterion_F_max     ? 
_reflns.observed_criterion_F_min     ? 
_reflns.pdbx_chi_squared             ? 
_reflns.pdbx_scaling_rejects         ? 
_reflns.pdbx_ordinal                 1 
_reflns.pdbx_diffrn_id               1 
# 
_reflns_shell.d_res_high             2.3 
_reflns_shell.d_res_low              ? 
_reflns_shell.percent_possible_obs   ? 
_reflns_shell.percent_possible_all   99.8 
_reflns_shell.Rmerge_I_obs           0.041 
_reflns_shell.meanI_over_sigI_obs    1.2 
_reflns_shell.pdbx_Rsym_value        ? 
_reflns_shell.pdbx_redundancy        ? 
_reflns_shell.number_unique_all      3241 
_reflns_shell.number_measured_all    ? 
_reflns_shell.number_measured_obs    ? 
_reflns_shell.number_unique_obs      ? 
_reflns_shell.pdbx_chi_squared       ? 
_reflns_shell.pdbx_ordinal           1 
_reflns_shell.pdbx_diffrn_id         1 
# 
_refine.entry_id                                 2HB2 
_refine.ls_d_res_high                            2.300 
_refine.ls_d_res_low                             24.218 
_refine.pdbx_ls_sigma_F                          0.00 
_refine.ls_percent_reflns_obs                    98.800 
_refine.ls_number_reflns_obs                     6506 
_refine.ls_R_factor_R_work                       0.234 
_refine.ls_R_factor_R_free                       0.291 
_refine.ls_percent_reflns_R_free                 5.000 
_refine.ls_number_reflns_R_free                  329 
_refine.B_iso_mean                               46.700 
_refine.solvent_model_param_bsol                 41.819 
_refine.aniso_B[1][1]                            2.171 
_refine.aniso_B[2][2]                            2.171 
_refine.aniso_B[3][3]                            -4.343 
_refine.aniso_B[1][2]                            0.000 
_refine.aniso_B[1][3]                            0.000 
_refine.aniso_B[2][3]                            0.000 
_refine.overall_FOM_work_R_set                   0.775 
_refine.pdbx_ls_sigma_I                          ? 
_refine.ls_number_reflns_all                     6613 
_refine.ls_R_factor_all                          0.234 
_refine.ls_R_factor_obs                          0.291 
_refine.ls_redundancy_reflns_obs                 ? 
_refine.pdbx_data_cutoff_high_absF               ? 
_refine.pdbx_data_cutoff_low_absF                ? 
_refine.ls_number_parameters                     ? 
_refine.ls_number_restraints                     ? 
_refine.ls_R_factor_R_free_error                 ? 
_refine.ls_R_factor_R_free_error_details         ? 
_refine.pdbx_method_to_determine_struct          'MOLECULAR REPLACEMENT' 
_refine.pdbx_starting_model                      ? 
_refine.pdbx_ls_cross_valid_method               ? 
_refine.pdbx_R_Free_selection_details            Random 
_refine.pdbx_stereochem_target_val_spec_case     ? 
_refine.pdbx_stereochemistry_target_values       'Engh & Huber' 
_refine.solvent_model_details                    ? 
_refine.solvent_model_param_ksol                 ? 
_refine.occupancy_max                            ? 
_refine.occupancy_min                            ? 
_refine.pdbx_isotropic_thermal_model             ? 
_refine.details                                  ? 
_refine.B_iso_min                                ? 
_refine.B_iso_max                                ? 
_refine.correlation_coeff_Fo_to_Fc               ? 
_refine.correlation_coeff_Fo_to_Fc_free          ? 
_refine.pdbx_solvent_vdw_probe_radii             ? 
_refine.pdbx_solvent_ion_probe_radii             ? 
_refine.pdbx_solvent_shrinkage_radii             ? 
_refine.overall_SU_R_Cruickshank_DPI             ? 
_refine.overall_SU_R_free                        ? 
_refine.overall_SU_ML                            ? 
_refine.overall_SU_B                             ? 
_refine.pdbx_overall_ESU_R_Free                  ? 
_refine.pdbx_data_cutoff_high_rms_absF           ? 
_refine.pdbx_overall_ESU_R                       ? 
_refine.ls_wR_factor_R_free                      ? 
_refine.ls_wR_factor_R_work                      ? 
_refine.overall_FOM_free_R_set                   ? 
_refine.pdbx_refine_id                           'X-RAY DIFFRACTION' 
_refine.pdbx_diffrn_id                           1 
_refine.pdbx_TLS_residual_ADP_flag               ? 
_refine.pdbx_overall_phase_error                 ? 
_refine.pdbx_overall_SU_R_free_Cruickshank_DPI   ? 
_refine.pdbx_overall_SU_R_Blow_DPI               ? 
_refine.pdbx_overall_SU_R_free_Blow_DPI          ? 
# 
_refine_hist.pdbx_refine_id                   'X-RAY DIFFRACTION' 
_refine_hist.cycle_id                         LAST 
_refine_hist.pdbx_number_atoms_protein        743 
_refine_hist.pdbx_number_atoms_nucleic_acid   0 
_refine_hist.pdbx_number_atoms_ligand         0 
_refine_hist.number_atoms_solvent             21 
_refine_hist.number_atoms_total               764 
_refine_hist.d_res_high                       2.300 
_refine_hist.d_res_low                        24.218 
# 
loop_
_refine_ls_restr.type 
_refine_ls_restr.number 
_refine_ls_restr.dev_ideal 
_refine_ls_restr.dev_ideal_target 
_refine_ls_restr.weight 
_refine_ls_restr.pdbx_refine_id 
_refine_ls_restr.pdbx_restraint_function 
c_mcbond_it  ? 1.359 1.500 ? 'X-RAY DIFFRACTION' ? 
c_scbond_it  ? 1.691 2.000 ? 'X-RAY DIFFRACTION' ? 
c_mcangle_it ? 2.268 2.000 ? 'X-RAY DIFFRACTION' ? 
c_scangle_it ? 2.476 2.500 ? 'X-RAY DIFFRACTION' ? 
c_bond_d     ? 0.010 ?     ? 'X-RAY DIFFRACTION' ? 
c_angle_deg  ? 1.5   ?     ? 'X-RAY DIFFRACTION' ? 
# 
loop_
_refine_ls_shell.d_res_high 
_refine_ls_shell.d_res_low 
_refine_ls_shell.pdbx_total_number_of_bins_used 
_refine_ls_shell.percent_reflns_obs 
_refine_ls_shell.number_reflns_R_work 
_refine_ls_shell.R_factor_all 
_refine_ls_shell.R_factor_R_work 
_refine_ls_shell.R_factor_R_free 
_refine_ls_shell.percent_reflns_R_free 
_refine_ls_shell.number_reflns_R_free 
_refine_ls_shell.R_factor_R_free_error 
_refine_ls_shell.number_reflns_all 
_refine_ls_shell.number_reflns_obs 
_refine_ls_shell.redundancy_reflns_obs 
_refine_ls_shell.pdbx_refine_id 
2.300 2.400  8 . 757 . 0.35  0.402 . 37 . . 794 . 'X-RAY DIFFRACTION' 
2.400 2.530  8 . 748 . 0.32  0.419 . 50 . . 798 . 'X-RAY DIFFRACTION' 
2.530 2.690  8 . 754 . 0.276 0.336 . 36 . . 790 . 'X-RAY DIFFRACTION' 
2.690 2.900  8 . 765 . 0.264 0.313 . 41 . . 806 . 'X-RAY DIFFRACTION' 
2.900 3.190  8 . 775 . 0.252 0.303 . 38 . . 813 . 'X-RAY DIFFRACTION' 
3.190 3.650  8 . 772 . 0.276 0.306 . 41 . . 813 . 'X-RAY DIFFRACTION' 
3.650 4.590  8 . 788 . 0.2   0.228 . 46 . . 834 . 'X-RAY DIFFRACTION' 
4.590 24.220 8 . 818 . 0.199 0.244 . 40 . . 858 . 'X-RAY DIFFRACTION' 
# 
loop_
_pdbx_xplor_file.serial_no 
_pdbx_xplor_file.param_file 
_pdbx_xplor_file.topol_file 
_pdbx_xplor_file.pdbx_refine_id 
1 protein_rep.param ? 'X-RAY DIFFRACTION' 
2 water_rep.param   ? 'X-RAY DIFFRACTION' 
# 
_struct.entry_id                  2HB2 
_struct.title                     'Structure of HIV protease 6X mutant in apo form' 
_struct.pdbx_model_details        ? 
_struct.pdbx_CASP_flag            ? 
_struct.pdbx_model_type_details   ? 
# 
_struct_keywords.entry_id        2HB2 
_struct_keywords.pdbx_keywords   HYDROLASE 
_struct_keywords.text            'HIV, protease, retrovirus, aspartyl, HYDROLASE' 
# 
loop_
_struct_asym.id 
_struct_asym.pdbx_blank_PDB_chainid_flag 
_struct_asym.pdbx_modified 
_struct_asym.entity_id 
_struct_asym.details 
A N N 1 ? 
B N N 2 ? 
# 
_struct_ref.id                         1 
_struct_ref.db_name                    UNP 
_struct_ref.db_code                    POL_HV1BR 
_struct_ref.pdbx_db_accession          P03367 
_struct_ref.entity_id                  1 
_struct_ref.pdbx_seq_one_letter_code   
;PQITLWQRPLVTIKIGGQLKEALLDTGADDTVLEEMSLPGRWKPKMIGGIGGFIKVRQYDQILIEICGHKAIGTVLVGPT
PVNIIGRNLLTQIGCTLNF
;
_struct_ref.pdbx_align_begin           500 
_struct_ref.pdbx_db_isoform            ? 
# 
_struct_ref_seq.align_id                      1 
_struct_ref_seq.ref_id                        1 
_struct_ref_seq.pdbx_PDB_id_code              2HB2 
_struct_ref_seq.pdbx_strand_id                A 
_struct_ref_seq.seq_align_beg                 1 
_struct_ref_seq.pdbx_seq_align_beg_ins_code   ? 
_struct_ref_seq.seq_align_end                 99 
_struct_ref_seq.pdbx_seq_align_end_ins_code   ? 
_struct_ref_seq.pdbx_db_accession             P03367 
_struct_ref_seq.db_align_beg                  500 
_struct_ref_seq.pdbx_db_align_beg_ins_code    ? 
_struct_ref_seq.db_align_end                  598 
_struct_ref_seq.pdbx_db_align_end_ins_code    ? 
_struct_ref_seq.pdbx_auth_seq_align_beg       1 
_struct_ref_seq.pdbx_auth_seq_align_end       99 
# 
loop_
_struct_ref_seq_dif.align_id 
_struct_ref_seq_dif.pdbx_pdb_id_code 
_struct_ref_seq_dif.mon_id 
_struct_ref_seq_dif.pdbx_pdb_strand_id 
_struct_ref_seq_dif.seq_num 
_struct_ref_seq_dif.pdbx_pdb_ins_code 
_struct_ref_seq_dif.pdbx_seq_db_name 
_struct_ref_seq_dif.pdbx_seq_db_accession_code 
_struct_ref_seq_dif.db_mon_id 
_struct_ref_seq_dif.pdbx_seq_db_seq_num 
_struct_ref_seq_dif.details 
_struct_ref_seq_dif.pdbx_auth_seq_num 
_struct_ref_seq_dif.pdbx_ordinal 
1 2HB2 LYS A 7  ? UNP P03367 GLN 506 'engineered mutation' 7  1 
1 2HB2 ILE A 24 ? UNP P03367 LEU 523 'engineered mutation' 24 2 
1 2HB2 ASN A 37 ? UNP P03367 SER 536 variant               37 3 
1 2HB2 ILE A 46 ? UNP P03367 MET 545 'engineered mutation' 46 4 
1 2HB2 LEU A 53 ? UNP P03367 PHE 552 'engineered mutation' 53 5 
1 2HB2 PRO A 63 ? UNP P03367 LEU 562 'engineered mutation' 63 6 
1 2HB2 ILE A 77 ? UNP P03367 VAL 576 'engineered mutation' 77 7 
1 2HB2 ALA A 82 ? UNP P03367 VAL 581 'engineered mutation' 82 8 
# 
_pdbx_struct_assembly.id                   1 
_pdbx_struct_assembly.details              author_and_software_defined_assembly 
_pdbx_struct_assembly.method_details       PISA,PQS 
_pdbx_struct_assembly.oligomeric_details   dimeric 
_pdbx_struct_assembly.oligomeric_count     2 
# 
loop_
_pdbx_struct_assembly_prop.biol_id 
_pdbx_struct_assembly_prop.type 
_pdbx_struct_assembly_prop.value 
_pdbx_struct_assembly_prop.details 
1 'ABSA (A^2)' 2890  ? 
1 MORE         -14   ? 
1 'SSA (A^2)'  10180 ? 
# 
_pdbx_struct_assembly_gen.assembly_id       1 
_pdbx_struct_assembly_gen.oper_expression   1,2 
_pdbx_struct_assembly_gen.asym_id_list      A,B 
# 
loop_
_pdbx_struct_oper_list.id 
_pdbx_struct_oper_list.type 
_pdbx_struct_oper_list.name 
_pdbx_struct_oper_list.symmetry_operation 
_pdbx_struct_oper_list.matrix[1][1] 
_pdbx_struct_oper_list.matrix[1][2] 
_pdbx_struct_oper_list.matrix[1][3] 
_pdbx_struct_oper_list.vector[1] 
_pdbx_struct_oper_list.matrix[2][1] 
_pdbx_struct_oper_list.matrix[2][2] 
_pdbx_struct_oper_list.matrix[2][3] 
_pdbx_struct_oper_list.vector[2] 
_pdbx_struct_oper_list.matrix[3][1] 
_pdbx_struct_oper_list.matrix[3][2] 
_pdbx_struct_oper_list.matrix[3][3] 
_pdbx_struct_oper_list.vector[3] 
1 'identity operation'         1_555 x,y,z            1.0000000000  0.0000000000 0.0000000000 0.0000000000  0.0000000000 1.0000000000 0.0000000000 0.0000000000  0.0000000000 0.0000000000 1.0000000000  0.0000000000   
2 'crystal symmetry operation' 8_776 -y+2,-x+2,-z+3/2 -0.7845483724 0.6156080458 0.0742333167 15.9534078441 0.6156080458 0.7589714697 0.2121062047 -3.5033852171 0.0742333167 0.2121062047 -0.9744230973 -17.2493378409 
# 
_struct_biol.id   1 
# 
loop_
_struct_conf.conf_type_id 
_struct_conf.id 
_struct_conf.pdbx_PDB_helix_id 
_struct_conf.beg_label_comp_id 
_struct_conf.beg_label_asym_id 
_struct_conf.beg_label_seq_id 
_struct_conf.pdbx_beg_PDB_ins_code 
_struct_conf.end_label_comp_id 
_struct_conf.end_label_asym_id 
_struct_conf.end_label_seq_id 
_struct_conf.pdbx_end_PDB_ins_code 
_struct_conf.beg_auth_comp_id 
_struct_conf.beg_auth_asym_id 
_struct_conf.beg_auth_seq_id 
_struct_conf.end_auth_comp_id 
_struct_conf.end_auth_asym_id 
_struct_conf.end_auth_seq_id 
_struct_conf.pdbx_PDB_helix_class 
_struct_conf.details 
_struct_conf.pdbx_PDB_helix_length 
HELX_P HELX_P1 1 GLY A 86 ? THR A 91 ? GLY A 86 THR A 91 1 ? 6 
HELX_P HELX_P2 2 GLN A 92 ? GLY A 94 ? GLN A 92 GLY A 94 5 ? 3 
# 
_struct_conf_type.id          HELX_P 
_struct_conf_type.criteria    ? 
_struct_conf_type.reference   ? 
# 
_struct_sheet.id               A 
_struct_sheet.type             ? 
_struct_sheet.number_strands   8 
_struct_sheet.details          ? 
# 
loop_
_struct_sheet_order.sheet_id 
_struct_sheet_order.range_id_1 
_struct_sheet_order.range_id_2 
_struct_sheet_order.offset 
_struct_sheet_order.sense 
A 1 2 ? anti-parallel 
A 2 3 ? anti-parallel 
A 3 4 ? parallel      
A 4 5 ? anti-parallel 
A 5 6 ? parallel      
A 6 7 ? anti-parallel 
A 7 8 ? anti-parallel 
# 
loop_
_struct_sheet_range.sheet_id 
_struct_sheet_range.id 
_struct_sheet_range.beg_label_comp_id 
_struct_sheet_range.beg_label_asym_id 
_struct_sheet_range.beg_label_seq_id 
_struct_sheet_range.pdbx_beg_PDB_ins_code 
_struct_sheet_range.end_label_comp_id 
_struct_sheet_range.end_label_asym_id 
_struct_sheet_range.end_label_seq_id 
_struct_sheet_range.pdbx_end_PDB_ins_code 
_struct_sheet_range.beg_auth_comp_id 
_struct_sheet_range.beg_auth_asym_id 
_struct_sheet_range.beg_auth_seq_id 
_struct_sheet_range.end_auth_comp_id 
_struct_sheet_range.end_auth_asym_id 
_struct_sheet_range.end_auth_seq_id 
A 1 LYS A 43 ? ILE A 46 ? LYS A 43 ILE A 46 
A 2 LYS A 55 ? ILE A 66 ? LYS A 55 ILE A 66 
A 3 LYS A 70 ? ILE A 77 ? LYS A 70 ILE A 77 
A 4 VAL A 32 ? LEU A 33 ? VAL A 32 LEU A 33 
A 5 ILE A 84 ? ILE A 85 ? ILE A 84 ILE A 85 
A 6 GLN A 18 ? ILE A 24 ? GLN A 18 ILE A 24 
A 7 LEU A 10 ? ILE A 15 ? LEU A 10 ILE A 15 
A 8 LYS A 55 ? ILE A 66 ? LYS A 55 ILE A 66 
# 
loop_
_pdbx_struct_sheet_hbond.sheet_id 
_pdbx_struct_sheet_hbond.range_id_1 
_pdbx_struct_sheet_hbond.range_id_2 
_pdbx_struct_sheet_hbond.range_1_label_atom_id 
_pdbx_struct_sheet_hbond.range_1_label_comp_id 
_pdbx_struct_sheet_hbond.range_1_label_asym_id 
_pdbx_struct_sheet_hbond.range_1_label_seq_id 
_pdbx_struct_sheet_hbond.range_1_PDB_ins_code 
_pdbx_struct_sheet_hbond.range_1_auth_atom_id 
_pdbx_struct_sheet_hbond.range_1_auth_comp_id 
_pdbx_struct_sheet_hbond.range_1_auth_asym_id 
_pdbx_struct_sheet_hbond.range_1_auth_seq_id 
_pdbx_struct_sheet_hbond.range_2_label_atom_id 
_pdbx_struct_sheet_hbond.range_2_label_comp_id 
_pdbx_struct_sheet_hbond.range_2_label_asym_id 
_pdbx_struct_sheet_hbond.range_2_label_seq_id 
_pdbx_struct_sheet_hbond.range_2_PDB_ins_code 
_pdbx_struct_sheet_hbond.range_2_auth_atom_id 
_pdbx_struct_sheet_hbond.range_2_auth_comp_id 
_pdbx_struct_sheet_hbond.range_2_auth_asym_id 
_pdbx_struct_sheet_hbond.range_2_auth_seq_id 
A 1 2 N LYS A 43 ? N LYS A 43 O GLN A 58 ? O GLN A 58 
A 2 3 N ARG A 57 ? N ARG A 57 O ILE A 77 ? O ILE A 77 
A 3 4 O LEU A 76 ? O LEU A 76 N LEU A 33 ? N LEU A 33 
A 4 5 N VAL A 32 ? N VAL A 32 O ILE A 84 ? O ILE A 84 
A 5 6 O ILE A 85 ? O ILE A 85 N LEU A 23 ? N LEU A 23 
A 6 7 O ALA A 22 ? O ALA A 22 N VAL A 11 ? N VAL A 11 
A 7 8 N LYS A 14 ? N LYS A 14 O GLU A 65 ? O GLU A 65 
# 
_pdbx_validate_torsion.id              1 
_pdbx_validate_torsion.PDB_model_num   1 
_pdbx_validate_torsion.auth_comp_id    HIS 
_pdbx_validate_torsion.auth_asym_id    A 
_pdbx_validate_torsion.auth_seq_id     69 
_pdbx_validate_torsion.PDB_ins_code    ? 
_pdbx_validate_torsion.label_alt_id    ? 
_pdbx_validate_torsion.phi             53.73 
_pdbx_validate_torsion.psi             95.49 
# 
_pdbx_database_remark.id     999 
_pdbx_database_remark.text   
;SEQUENCE
Mutations at positions 24,46,53,63,77,82 are results 
of drug resistance selection. The Gln7Lys mutation 
was added to prevent autoproteolysis. The Ser37Asn 
mutation is strain specific.
;
# 
loop_
_pdbx_unobs_or_zero_occ_residues.id 
_pdbx_unobs_or_zero_occ_residues.PDB_model_num 
_pdbx_unobs_or_zero_occ_residues.polymer_flag 
_pdbx_unobs_or_zero_occ_residues.occupancy_flag 
_pdbx_unobs_or_zero_occ_residues.auth_asym_id 
_pdbx_unobs_or_zero_occ_residues.auth_comp_id 
_pdbx_unobs_or_zero_occ_residues.auth_seq_id 
_pdbx_unobs_or_zero_occ_residues.PDB_ins_code 
_pdbx_unobs_or_zero_occ_residues.label_asym_id 
_pdbx_unobs_or_zero_occ_residues.label_comp_id 
_pdbx_unobs_or_zero_occ_residues.label_seq_id 
1 1 Y 1 A GLY 48 ? A GLY 48 
2 1 Y 1 A GLY 49 ? A GLY 49 
# 
loop_
_chem_comp_atom.comp_id 
_chem_comp_atom.atom_id 
_chem_comp_atom.type_symbol 
_chem_comp_atom.pdbx_aromatic_flag 
_chem_comp_atom.pdbx_stereo_config 
_chem_comp_atom.pdbx_ordinal 
ALA N    N N N 1   
ALA CA   C N S 2   
ALA C    C N N 3   
ALA O    O N N 4   
ALA CB   C N N 5   
ALA OXT  O N N 6   
ALA H    H N N 7   
ALA H2   H N N 8   
ALA HA   H N N 9   
ALA HB1  H N N 10  
ALA HB2  H N N 11  
ALA HB3  H N N 12  
ALA HXT  H N N 13  
ARG N    N N N 14  
ARG CA   C N S 15  
ARG C    C N N 16  
ARG O    O N N 17  
ARG CB   C N N 18  
ARG CG   C N N 19  
ARG CD   C N N 20  
ARG NE   N N N 21  
ARG CZ   C N N 22  
ARG NH1  N N N 23  
ARG NH2  N N N 24  
ARG OXT  O N N 25  
ARG H    H N N 26  
ARG H2   H N N 27  
ARG HA   H N N 28  
ARG HB2  H N N 29  
ARG HB3  H N N 30  
ARG HG2  H N N 31  
ARG HG3  H N N 32  
ARG HD2  H N N 33  
ARG HD3  H N N 34  
ARG HE   H N N 35  
ARG HH11 H N N 36  
ARG HH12 H N N 37  
ARG HH21 H N N 38  
ARG HH22 H N N 39  
ARG HXT  H N N 40  
ASN N    N N N 41  
ASN CA   C N S 42  
ASN C    C N N 43  
ASN O    O N N 44  
ASN CB   C N N 45  
ASN CG   C N N 46  
ASN OD1  O N N 47  
ASN ND2  N N N 48  
ASN OXT  O N N 49  
ASN H    H N N 50  
ASN H2   H N N 51  
ASN HA   H N N 52  
ASN HB2  H N N 53  
ASN HB3  H N N 54  
ASN HD21 H N N 55  
ASN HD22 H N N 56  
ASN HXT  H N N 57  
ASP N    N N N 58  
ASP CA   C N S 59  
ASP C    C N N 60  
ASP O    O N N 61  
ASP CB   C N N 62  
ASP CG   C N N 63  
ASP OD1  O N N 64  
ASP OD2  O N N 65  
ASP OXT  O N N 66  
ASP H    H N N 67  
ASP H2   H N N 68  
ASP HA   H N N 69  
ASP HB2  H N N 70  
ASP HB3  H N N 71  
ASP HD2  H N N 72  
ASP HXT  H N N 73  
CYS N    N N N 74  
CYS CA   C N R 75  
CYS C    C N N 76  
CYS O    O N N 77  
CYS CB   C N N 78  
CYS SG   S N N 79  
CYS OXT  O N N 80  
CYS H    H N N 81  
CYS H2   H N N 82  
CYS HA   H N N 83  
CYS HB2  H N N 84  
CYS HB3  H N N 85  
CYS HG   H N N 86  
CYS HXT  H N N 87  
GLN N    N N N 88  
GLN CA   C N S 89  
GLN C    C N N 90  
GLN O    O N N 91  
GLN CB   C N N 92  
GLN CG   C N N 93  
GLN CD   C N N 94  
GLN OE1  O N N 95  
GLN NE2  N N N 96  
GLN OXT  O N N 97  
GLN H    H N N 98  
GLN H2   H N N 99  
GLN HA   H N N 100 
GLN HB2  H N N 101 
GLN HB3  H N N 102 
GLN HG2  H N N 103 
GLN HG3  H N N 104 
GLN HE21 H N N 105 
GLN HE22 H N N 106 
GLN HXT  H N N 107 
GLU N    N N N 108 
GLU CA   C N S 109 
GLU C    C N N 110 
GLU O    O N N 111 
GLU CB   C N N 112 
GLU CG   C N N 113 
GLU CD   C N N 114 
GLU OE1  O N N 115 
GLU OE2  O N N 116 
GLU OXT  O N N 117 
GLU H    H N N 118 
GLU H2   H N N 119 
GLU HA   H N N 120 
GLU HB2  H N N 121 
GLU HB3  H N N 122 
GLU HG2  H N N 123 
GLU HG3  H N N 124 
GLU HE2  H N N 125 
GLU HXT  H N N 126 
GLY N    N N N 127 
GLY CA   C N N 128 
GLY C    C N N 129 
GLY O    O N N 130 
GLY OXT  O N N 131 
GLY H    H N N 132 
GLY H2   H N N 133 
GLY HA2  H N N 134 
GLY HA3  H N N 135 
GLY HXT  H N N 136 
HIS N    N N N 137 
HIS CA   C N S 138 
HIS C    C N N 139 
HIS O    O N N 140 
HIS CB   C N N 141 
HIS CG   C Y N 142 
HIS ND1  N Y N 143 
HIS CD2  C Y N 144 
HIS CE1  C Y N 145 
HIS NE2  N Y N 146 
HIS OXT  O N N 147 
HIS H    H N N 148 
HIS H2   H N N 149 
HIS HA   H N N 150 
HIS HB2  H N N 151 
HIS HB3  H N N 152 
HIS HD1  H N N 153 
HIS HD2  H N N 154 
HIS HE1  H N N 155 
HIS HE2  H N N 156 
HIS HXT  H N N 157 
HOH O    O N N 158 
HOH H1   H N N 159 
HOH H2   H N N 160 
ILE N    N N N 161 
ILE CA   C N S 162 
ILE C    C N N 163 
ILE O    O N N 164 
ILE CB   C N S 165 
ILE CG1  C N N 166 
ILE CG2  C N N 167 
ILE CD1  C N N 168 
ILE OXT  O N N 169 
ILE H    H N N 170 
ILE H2   H N N 171 
ILE HA   H N N 172 
ILE HB   H N N 173 
ILE HG12 H N N 174 
ILE HG13 H N N 175 
ILE HG21 H N N 176 
ILE HG22 H N N 177 
ILE HG23 H N N 178 
ILE HD11 H N N 179 
ILE HD12 H N N 180 
ILE HD13 H N N 181 
ILE HXT  H N N 182 
LEU N    N N N 183 
LEU CA   C N S 184 
LEU C    C N N 185 
LEU O    O N N 186 
LEU CB   C N N 187 
LEU CG   C N N 188 
LEU CD1  C N N 189 
LEU CD2  C N N 190 
LEU OXT  O N N 191 
LEU H    H N N 192 
LEU H2   H N N 193 
LEU HA   H N N 194 
LEU HB2  H N N 195 
LEU HB3  H N N 196 
LEU HG   H N N 197 
LEU HD11 H N N 198 
LEU HD12 H N N 199 
LEU HD13 H N N 200 
LEU HD21 H N N 201 
LEU HD22 H N N 202 
LEU HD23 H N N 203 
LEU HXT  H N N 204 
LYS N    N N N 205 
LYS CA   C N S 206 
LYS C    C N N 207 
LYS O    O N N 208 
LYS CB   C N N 209 
LYS CG   C N N 210 
LYS CD   C N N 211 
LYS CE   C N N 212 
LYS NZ   N N N 213 
LYS OXT  O N N 214 
LYS H    H N N 215 
LYS H2   H N N 216 
LYS HA   H N N 217 
LYS HB2  H N N 218 
LYS HB3  H N N 219 
LYS HG2  H N N 220 
LYS HG3  H N N 221 
LYS HD2  H N N 222 
LYS HD3  H N N 223 
LYS HE2  H N N 224 
LYS HE3  H N N 225 
LYS HZ1  H N N 226 
LYS HZ2  H N N 227 
LYS HZ3  H N N 228 
LYS HXT  H N N 229 
MET N    N N N 230 
MET CA   C N S 231 
MET C    C N N 232 
MET O    O N N 233 
MET CB   C N N 234 
MET CG   C N N 235 
MET SD   S N N 236 
MET CE   C N N 237 
MET OXT  O N N 238 
MET H    H N N 239 
MET H2   H N N 240 
MET HA   H N N 241 
MET HB2  H N N 242 
MET HB3  H N N 243 
MET HG2  H N N 244 
MET HG3  H N N 245 
MET HE1  H N N 246 
MET HE2  H N N 247 
MET HE3  H N N 248 
MET HXT  H N N 249 
PHE N    N N N 250 
PHE CA   C N S 251 
PHE C    C N N 252 
PHE O    O N N 253 
PHE CB   C N N 254 
PHE CG   C Y N 255 
PHE CD1  C Y N 256 
PHE CD2  C Y N 257 
PHE CE1  C Y N 258 
PHE CE2  C Y N 259 
PHE CZ   C Y N 260 
PHE OXT  O N N 261 
PHE H    H N N 262 
PHE H2   H N N 263 
PHE HA   H N N 264 
PHE HB2  H N N 265 
PHE HB3  H N N 266 
PHE HD1  H N N 267 
PHE HD2  H N N 268 
PHE HE1  H N N 269 
PHE HE2  H N N 270 
PHE HZ   H N N 271 
PHE HXT  H N N 272 
PRO N    N N N 273 
PRO CA   C N S 274 
PRO C    C N N 275 
PRO O    O N N 276 
PRO CB   C N N 277 
PRO CG   C N N 278 
PRO CD   C N N 279 
PRO OXT  O N N 280 
PRO H    H N N 281 
PRO HA   H N N 282 
PRO HB2  H N N 283 
PRO HB3  H N N 284 
PRO HG2  H N N 285 
PRO HG3  H N N 286 
PRO HD2  H N N 287 
PRO HD3  H N N 288 
PRO HXT  H N N 289 
SER N    N N N 290 
SER CA   C N S 291 
SER C    C N N 292 
SER O    O N N 293 
SER CB   C N N 294 
SER OG   O N N 295 
SER OXT  O N N 296 
SER H    H N N 297 
SER H2   H N N 298 
SER HA   H N N 299 
SER HB2  H N N 300 
SER HB3  H N N 301 
SER HG   H N N 302 
SER HXT  H N N 303 
THR N    N N N 304 
THR CA   C N S 305 
THR C    C N N 306 
THR O    O N N 307 
THR CB   C N R 308 
THR OG1  O N N 309 
THR CG2  C N N 310 
THR OXT  O N N 311 
THR H    H N N 312 
THR H2   H N N 313 
THR HA   H N N 314 
THR HB   H N N 315 
THR HG1  H N N 316 
THR HG21 H N N 317 
THR HG22 H N N 318 
THR HG23 H N N 319 
THR HXT  H N N 320 
TRP N    N N N 321 
TRP CA   C N S 322 
TRP C    C N N 323 
TRP O    O N N 324 
TRP CB   C N N 325 
TRP CG   C Y N 326 
TRP CD1  C Y N 327 
TRP CD2  C Y N 328 
TRP NE1  N Y N 329 
TRP CE2  C Y N 330 
TRP CE3  C Y N 331 
TRP CZ2  C Y N 332 
TRP CZ3  C Y N 333 
TRP CH2  C Y N 334 
TRP OXT  O N N 335 
TRP H    H N N 336 
TRP H2   H N N 337 
TRP HA   H N N 338 
TRP HB2  H N N 339 
TRP HB3  H N N 340 
TRP HD1  H N N 341 
TRP HE1  H N N 342 
TRP HE3  H N N 343 
TRP HZ2  H N N 344 
TRP HZ3  H N N 345 
TRP HH2  H N N 346 
TRP HXT  H N N 347 
TYR N    N N N 348 
TYR CA   C N S 349 
TYR C    C N N 350 
TYR O    O N N 351 
TYR CB   C N N 352 
TYR CG   C Y N 353 
TYR CD1  C Y N 354 
TYR CD2  C Y N 355 
TYR CE1  C Y N 356 
TYR CE2  C Y N 357 
TYR CZ   C Y N 358 
TYR OH   O N N 359 
TYR OXT  O N N 360 
TYR H    H N N 361 
TYR H2   H N N 362 
TYR HA   H N N 363 
TYR HB2  H N N 364 
TYR HB3  H N N 365 
TYR HD1  H N N 366 
TYR HD2  H N N 367 
TYR HE1  H N N 368 
TYR HE2  H N N 369 
TYR HH   H N N 370 
TYR HXT  H N N 371 
VAL N    N N N 372 
VAL CA   C N S 373 
VAL C    C N N 374 
VAL O    O N N 375 
VAL CB   C N N 376 
VAL CG1  C N N 377 
VAL CG2  C N N 378 
VAL OXT  O N N 379 
VAL H    H N N 380 
VAL H2   H N N 381 
VAL HA   H N N 382 
VAL HB   H N N 383 
VAL HG11 H N N 384 
VAL HG12 H N N 385 
VAL HG13 H N N 386 
VAL HG21 H N N 387 
VAL HG22 H N N 388 
VAL HG23 H N N 389 
VAL HXT  H N N 390 
# 
loop_
_chem_comp_bond.comp_id 
_chem_comp_bond.atom_id_1 
_chem_comp_bond.atom_id_2 
_chem_comp_bond.value_order 
_chem_comp_bond.pdbx_aromatic_flag 
_chem_comp_bond.pdbx_stereo_config 
_chem_comp_bond.pdbx_ordinal 
ALA N   CA   sing N N 1   
ALA N   H    sing N N 2   
ALA N   H2   sing N N 3   
ALA CA  C    sing N N 4   
ALA CA  CB   sing N N 5   
ALA CA  HA   sing N N 6   
ALA C   O    doub N N 7   
ALA C   OXT  sing N N 8   
ALA CB  HB1  sing N N 9   
ALA CB  HB2  sing N N 10  
ALA CB  HB3  sing N N 11  
ALA OXT HXT  sing N N 12  
ARG N   CA   sing N N 13  
ARG N   H    sing N N 14  
ARG N   H2   sing N N 15  
ARG CA  C    sing N N 16  
ARG CA  CB   sing N N 17  
ARG CA  HA   sing N N 18  
ARG C   O    doub N N 19  
ARG C   OXT  sing N N 20  
ARG CB  CG   sing N N 21  
ARG CB  HB2  sing N N 22  
ARG CB  HB3  sing N N 23  
ARG CG  CD   sing N N 24  
ARG CG  HG2  sing N N 25  
ARG CG  HG3  sing N N 26  
ARG CD  NE   sing N N 27  
ARG CD  HD2  sing N N 28  
ARG CD  HD3  sing N N 29  
ARG NE  CZ   sing N N 30  
ARG NE  HE   sing N N 31  
ARG CZ  NH1  sing N N 32  
ARG CZ  NH2  doub N N 33  
ARG NH1 HH11 sing N N 34  
ARG NH1 HH12 sing N N 35  
ARG NH2 HH21 sing N N 36  
ARG NH2 HH22 sing N N 37  
ARG OXT HXT  sing N N 38  
ASN N   CA   sing N N 39  
ASN N   H    sing N N 40  
ASN N   H2   sing N N 41  
ASN CA  C    sing N N 42  
ASN CA  CB   sing N N 43  
ASN CA  HA   sing N N 44  
ASN C   O    doub N N 45  
ASN C   OXT  sing N N 46  
ASN CB  CG   sing N N 47  
ASN CB  HB2  sing N N 48  
ASN CB  HB3  sing N N 49  
ASN CG  OD1  doub N N 50  
ASN CG  ND2  sing N N 51  
ASN ND2 HD21 sing N N 52  
ASN ND2 HD22 sing N N 53  
ASN OXT HXT  sing N N 54  
ASP N   CA   sing N N 55  
ASP N   H    sing N N 56  
ASP N   H2   sing N N 57  
ASP CA  C    sing N N 58  
ASP CA  CB   sing N N 59  
ASP CA  HA   sing N N 60  
ASP C   O    doub N N 61  
ASP C   OXT  sing N N 62  
ASP CB  CG   sing N N 63  
ASP CB  HB2  sing N N 64  
ASP CB  HB3  sing N N 65  
ASP CG  OD1  doub N N 66  
ASP CG  OD2  sing N N 67  
ASP OD2 HD2  sing N N 68  
ASP OXT HXT  sing N N 69  
CYS N   CA   sing N N 70  
CYS N   H    sing N N 71  
CYS N   H2   sing N N 72  
CYS CA  C    sing N N 73  
CYS CA  CB   sing N N 74  
CYS CA  HA   sing N N 75  
CYS C   O    doub N N 76  
CYS C   OXT  sing N N 77  
CYS CB  SG   sing N N 78  
CYS CB  HB2  sing N N 79  
CYS CB  HB3  sing N N 80  
CYS SG  HG   sing N N 81  
CYS OXT HXT  sing N N 82  
GLN N   CA   sing N N 83  
GLN N   H    sing N N 84  
GLN N   H2   sing N N 85  
GLN CA  C    sing N N 86  
GLN CA  CB   sing N N 87  
GLN CA  HA   sing N N 88  
GLN C   O    doub N N 89  
GLN C   OXT  sing N N 90  
GLN CB  CG   sing N N 91  
GLN CB  HB2  sing N N 92  
GLN CB  HB3  sing N N 93  
GLN CG  CD   sing N N 94  
GLN CG  HG2  sing N N 95  
GLN CG  HG3  sing N N 96  
GLN CD  OE1  doub N N 97  
GLN CD  NE2  sing N N 98  
GLN NE2 HE21 sing N N 99  
GLN NE2 HE22 sing N N 100 
GLN OXT HXT  sing N N 101 
GLU N   CA   sing N N 102 
GLU N   H    sing N N 103 
GLU N   H2   sing N N 104 
GLU CA  C    sing N N 105 
GLU CA  CB   sing N N 106 
GLU CA  HA   sing N N 107 
GLU C   O    doub N N 108 
GLU C   OXT  sing N N 109 
GLU CB  CG   sing N N 110 
GLU CB  HB2  sing N N 111 
GLU CB  HB3  sing N N 112 
GLU CG  CD   sing N N 113 
GLU CG  HG2  sing N N 114 
GLU CG  HG3  sing N N 115 
GLU CD  OE1  doub N N 116 
GLU CD  OE2  sing N N 117 
GLU OE2 HE2  sing N N 118 
GLU OXT HXT  sing N N 119 
GLY N   CA   sing N N 120 
GLY N   H    sing N N 121 
GLY N   H2   sing N N 122 
GLY CA  C    sing N N 123 
GLY CA  HA2  sing N N 124 
GLY CA  HA3  sing N N 125 
GLY C   O    doub N N 126 
GLY C   OXT  sing N N 127 
GLY OXT HXT  sing N N 128 
HIS N   CA   sing N N 129 
HIS N   H    sing N N 130 
HIS N   H2   sing N N 131 
HIS CA  C    sing N N 132 
HIS CA  CB   sing N N 133 
HIS CA  HA   sing N N 134 
HIS C   O    doub N N 135 
HIS C   OXT  sing N N 136 
HIS CB  CG   sing N N 137 
HIS CB  HB2  sing N N 138 
HIS CB  HB3  sing N N 139 
HIS CG  ND1  sing Y N 140 
HIS CG  CD2  doub Y N 141 
HIS ND1 CE1  doub Y N 142 
HIS ND1 HD1  sing N N 143 
HIS CD2 NE2  sing Y N 144 
HIS CD2 HD2  sing N N 145 
HIS CE1 NE2  sing Y N 146 
HIS CE1 HE1  sing N N 147 
HIS NE2 HE2  sing N N 148 
HIS OXT HXT  sing N N 149 
HOH O   H1   sing N N 150 
HOH O   H2   sing N N 151 
ILE N   CA   sing N N 152 
ILE N   H    sing N N 153 
ILE N   H2   sing N N 154 
ILE CA  C    sing N N 155 
ILE CA  CB   sing N N 156 
ILE CA  HA   sing N N 157 
ILE C   O    doub N N 158 
ILE C   OXT  sing N N 159 
ILE CB  CG1  sing N N 160 
ILE CB  CG2  sing N N 161 
ILE CB  HB   sing N N 162 
ILE CG1 CD1  sing N N 163 
ILE CG1 HG12 sing N N 164 
ILE CG1 HG13 sing N N 165 
ILE CG2 HG21 sing N N 166 
ILE CG2 HG22 sing N N 167 
ILE CG2 HG23 sing N N 168 
ILE CD1 HD11 sing N N 169 
ILE CD1 HD12 sing N N 170 
ILE CD1 HD13 sing N N 171 
ILE OXT HXT  sing N N 172 
LEU N   CA   sing N N 173 
LEU N   H    sing N N 174 
LEU N   H2   sing N N 175 
LEU CA  C    sing N N 176 
LEU CA  CB   sing N N 177 
LEU CA  HA   sing N N 178 
LEU C   O    doub N N 179 
LEU C   OXT  sing N N 180 
LEU CB  CG   sing N N 181 
LEU CB  HB2  sing N N 182 
LEU CB  HB3  sing N N 183 
LEU CG  CD1  sing N N 184 
LEU CG  CD2  sing N N 185 
LEU CG  HG   sing N N 186 
LEU CD1 HD11 sing N N 187 
LEU CD1 HD12 sing N N 188 
LEU CD1 HD13 sing N N 189 
LEU CD2 HD21 sing N N 190 
LEU CD2 HD22 sing N N 191 
LEU CD2 HD23 sing N N 192 
LEU OXT HXT  sing N N 193 
LYS N   CA   sing N N 194 
LYS N   H    sing N N 195 
LYS N   H2   sing N N 196 
LYS CA  C    sing N N 197 
LYS CA  CB   sing N N 198 
LYS CA  HA   sing N N 199 
LYS C   O    doub N N 200 
LYS C   OXT  sing N N 201 
LYS CB  CG   sing N N 202 
LYS CB  HB2  sing N N 203 
LYS CB  HB3  sing N N 204 
LYS CG  CD   sing N N 205 
LYS CG  HG2  sing N N 206 
LYS CG  HG3  sing N N 207 
LYS CD  CE   sing N N 208 
LYS CD  HD2  sing N N 209 
LYS CD  HD3  sing N N 210 
LYS CE  NZ   sing N N 211 
LYS CE  HE2  sing N N 212 
LYS CE  HE3  sing N N 213 
LYS NZ  HZ1  sing N N 214 
LYS NZ  HZ2  sing N N 215 
LYS NZ  HZ3  sing N N 216 
LYS OXT HXT  sing N N 217 
MET N   CA   sing N N 218 
MET N   H    sing N N 219 
MET N   H2   sing N N 220 
MET CA  C    sing N N 221 
MET CA  CB   sing N N 222 
MET CA  HA   sing N N 223 
MET C   O    doub N N 224 
MET C   OXT  sing N N 225 
MET CB  CG   sing N N 226 
MET CB  HB2  sing N N 227 
MET CB  HB3  sing N N 228 
MET CG  SD   sing N N 229 
MET CG  HG2  sing N N 230 
MET CG  HG3  sing N N 231 
MET SD  CE   sing N N 232 
MET CE  HE1  sing N N 233 
MET CE  HE2  sing N N 234 
MET CE  HE3  sing N N 235 
MET OXT HXT  sing N N 236 
PHE N   CA   sing N N 237 
PHE N   H    sing N N 238 
PHE N   H2   sing N N 239 
PHE CA  C    sing N N 240 
PHE CA  CB   sing N N 241 
PHE CA  HA   sing N N 242 
PHE C   O    doub N N 243 
PHE C   OXT  sing N N 244 
PHE CB  CG   sing N N 245 
PHE CB  HB2  sing N N 246 
PHE CB  HB3  sing N N 247 
PHE CG  CD1  doub Y N 248 
PHE CG  CD2  sing Y N 249 
PHE CD1 CE1  sing Y N 250 
PHE CD1 HD1  sing N N 251 
PHE CD2 CE2  doub Y N 252 
PHE CD2 HD2  sing N N 253 
PHE CE1 CZ   doub Y N 254 
PHE CE1 HE1  sing N N 255 
PHE CE2 CZ   sing Y N 256 
PHE CE2 HE2  sing N N 257 
PHE CZ  HZ   sing N N 258 
PHE OXT HXT  sing N N 259 
PRO N   CA   sing N N 260 
PRO N   CD   sing N N 261 
PRO N   H    sing N N 262 
PRO CA  C    sing N N 263 
PRO CA  CB   sing N N 264 
PRO CA  HA   sing N N 265 
PRO C   O    doub N N 266 
PRO C   OXT  sing N N 267 
PRO CB  CG   sing N N 268 
PRO CB  HB2  sing N N 269 
PRO CB  HB3  sing N N 270 
PRO CG  CD   sing N N 271 
PRO CG  HG2  sing N N 272 
PRO CG  HG3  sing N N 273 
PRO CD  HD2  sing N N 274 
PRO CD  HD3  sing N N 275 
PRO OXT HXT  sing N N 276 
SER N   CA   sing N N 277 
SER N   H    sing N N 278 
SER N   H2   sing N N 279 
SER CA  C    sing N N 280 
SER CA  CB   sing N N 281 
SER CA  HA   sing N N 282 
SER C   O    doub N N 283 
SER C   OXT  sing N N 284 
SER CB  OG   sing N N 285 
SER CB  HB2  sing N N 286 
SER CB  HB3  sing N N 287 
SER OG  HG   sing N N 288 
SER OXT HXT  sing N N 289 
THR N   CA   sing N N 290 
THR N   H    sing N N 291 
THR N   H2   sing N N 292 
THR CA  C    sing N N 293 
THR CA  CB   sing N N 294 
THR CA  HA   sing N N 295 
THR C   O    doub N N 296 
THR C   OXT  sing N N 297 
THR CB  OG1  sing N N 298 
THR CB  CG2  sing N N 299 
THR CB  HB   sing N N 300 
THR OG1 HG1  sing N N 301 
THR CG2 HG21 sing N N 302 
THR CG2 HG22 sing N N 303 
THR CG2 HG23 sing N N 304 
THR OXT HXT  sing N N 305 
TRP N   CA   sing N N 306 
TRP N   H    sing N N 307 
TRP N   H2   sing N N 308 
TRP CA  C    sing N N 309 
TRP CA  CB   sing N N 310 
TRP CA  HA   sing N N 311 
TRP C   O    doub N N 312 
TRP C   OXT  sing N N 313 
TRP CB  CG   sing N N 314 
TRP CB  HB2  sing N N 315 
TRP CB  HB3  sing N N 316 
TRP CG  CD1  doub Y N 317 
TRP CG  CD2  sing Y N 318 
TRP CD1 NE1  sing Y N 319 
TRP CD1 HD1  sing N N 320 
TRP CD2 CE2  doub Y N 321 
TRP CD2 CE3  sing Y N 322 
TRP NE1 CE2  sing Y N 323 
TRP NE1 HE1  sing N N 324 
TRP CE2 CZ2  sing Y N 325 
TRP CE3 CZ3  doub Y N 326 
TRP CE3 HE3  sing N N 327 
TRP CZ2 CH2  doub Y N 328 
TRP CZ2 HZ2  sing N N 329 
TRP CZ3 CH2  sing Y N 330 
TRP CZ3 HZ3  sing N N 331 
TRP CH2 HH2  sing N N 332 
TRP OXT HXT  sing N N 333 
TYR N   CA   sing N N 334 
TYR N   H    sing N N 335 
TYR N   H2   sing N N 336 
TYR CA  C    sing N N 337 
TYR CA  CB   sing N N 338 
TYR CA  HA   sing N N 339 
TYR C   O    doub N N 340 
TYR C   OXT  sing N N 341 
TYR CB  CG   sing N N 342 
TYR CB  HB2  sing N N 343 
TYR CB  HB3  sing N N 344 
TYR CG  CD1  doub Y N 345 
TYR CG  CD2  sing Y N 346 
TYR CD1 CE1  sing Y N 347 
TYR CD1 HD1  sing N N 348 
TYR CD2 CE2  doub Y N 349 
TYR CD2 HD2  sing N N 350 
TYR CE1 CZ   doub Y N 351 
TYR CE1 HE1  sing N N 352 
TYR CE2 CZ   sing Y N 353 
TYR CE2 HE2  sing N N 354 
TYR CZ  OH   sing N N 355 
TYR OH  HH   sing N N 356 
TYR OXT HXT  sing N N 357 
VAL N   CA   sing N N 358 
VAL N   H    sing N N 359 
VAL N   H2   sing N N 360 
VAL CA  C    sing N N 361 
VAL CA  CB   sing N N 362 
VAL CA  HA   sing N N 363 
VAL C   O    doub N N 364 
VAL C   OXT  sing N N 365 
VAL CB  CG1  sing N N 366 
VAL CB  CG2  sing N N 367 
VAL CB  HB   sing N N 368 
VAL CG1 HG11 sing N N 369 
VAL CG1 HG12 sing N N 370 
VAL CG1 HG13 sing N N 371 
VAL CG2 HG21 sing N N 372 
VAL CG2 HG22 sing N N 373 
VAL CG2 HG23 sing N N 374 
VAL OXT HXT  sing N N 375 
# 
_atom_sites.entry_id                    2HB2 
_atom_sites.fract_transf_matrix[1][1]   0.01379452 
_atom_sites.fract_transf_matrix[1][2]   0.00895119 
_atom_sites.fract_transf_matrix[1][3]   0.01161399 
_atom_sites.fract_transf_matrix[2][1]   0.00444990 
_atom_sites.fract_transf_matrix[2][2]   -0.01774912 
_atom_sites.fract_transf_matrix[2][3]   0.00839432 
_atom_sites.fract_transf_matrix[3][1]   0.00633138 
_atom_sites.fract_transf_matrix[3][2]   -0.00144318 
_atom_sites.fract_transf_matrix[3][3]   -0.00640780 
_atom_sites.fract_transf_vector[1]      0.387765 
_atom_sites.fract_transf_vector[2]      1.623812 
_atom_sites.fract_transf_vector[3]      0.641703 
# 
loop_
_atom_type.symbol 
C 
N 
O 
S 
# 
loop_
_atom_site.group_PDB 
_atom_site.id 
_atom_site.type_symbol 
_atom_site.label_atom_id 
_atom_site.label_alt_id 
_atom_site.label_comp_id 
_atom_site.label_asym_id 
_atom_site.label_entity_id 
_atom_site.label_seq_id 
_atom_site.pdbx_PDB_ins_code 
_atom_site.Cartn_x 
_atom_site.Cartn_y 
_atom_site.Cartn_z 
_atom_site.occupancy 
_atom_site.B_iso_or_equiv 
_atom_site.pdbx_formal_charge 
_atom_site.auth_seq_id 
_atom_site.auth_comp_id 
_atom_site.auth_asym_id 
_atom_site.auth_atom_id 
_atom_site.pdbx_PDB_model_num 
ATOM   1   N N   . PRO A 1 1  ? 10.721  12.810  1.651   1.00 47.56 ? 1   PRO A N   1 
ATOM   2   C CA  . PRO A 1 1  ? 12.175  12.518  1.764   1.00 47.49 ? 1   PRO A CA  1 
ATOM   3   C C   . PRO A 1 1  ? 12.735  12.120  0.417   1.00 46.94 ? 1   PRO A C   1 
ATOM   4   O O   . PRO A 1 1  ? 12.042  12.235  -0.598  1.00 47.68 ? 1   PRO A O   1 
ATOM   5   C CB  . PRO A 1 1  ? 12.321  11.366  2.743   1.00 47.74 ? 1   PRO A CB  1 
ATOM   6   C CG  . PRO A 1 1  ? 10.952  10.663  2.580   1.00 47.84 ? 1   PRO A CG  1 
ATOM   7   C CD  . PRO A 1 1  ? 9.956   11.832  2.447   1.00 46.97 ? 1   PRO A CD  1 
ATOM   8   N N   . GLN A 1 2  ? 13.997  11.680  0.406   1.00 45.65 ? 2   GLN A N   1 
ATOM   9   C CA  . GLN A 1 2  ? 14.634  11.210  -0.828  1.00 44.14 ? 2   GLN A CA  1 
ATOM   10  C C   . GLN A 1 2  ? 15.116  9.811   -0.544  1.00 43.33 ? 2   GLN A C   1 
ATOM   11  O O   . GLN A 1 2  ? 15.946  9.606   0.330   1.00 43.73 ? 2   GLN A O   1 
ATOM   12  C CB  . GLN A 1 2  ? 15.840  12.038  -1.255  1.00 43.94 ? 2   GLN A CB  1 
ATOM   13  C CG  . GLN A 1 2  ? 16.462  11.431  -2.509  1.00 46.52 ? 2   GLN A CG  1 
ATOM   14  C CD  . GLN A 1 2  ? 17.520  12.295  -3.173  1.00 48.90 ? 2   GLN A CD  1 
ATOM   15  O OE1 . GLN A 1 2  ? 18.726  12.166  -2.896  1.00 49.01 ? 2   GLN A OE1 1 
ATOM   16  N NE2 . GLN A 1 2  ? 17.077  13.182  -4.063  1.00 47.54 ? 2   GLN A NE2 1 
ATOM   17  N N   . ILE A 1 3  ? 14.611  8.836   -1.282  1.00 40.56 ? 3   ILE A N   1 
ATOM   18  C CA  . ILE A 1 3  ? 15.013  7.476   -1.019  1.00 38.33 ? 3   ILE A CA  1 
ATOM   19  C C   . ILE A 1 3  ? 15.858  6.946   -2.162  1.00 37.56 ? 3   ILE A C   1 
ATOM   20  O O   . ILE A 1 3  ? 15.509  7.129   -3.332  1.00 37.31 ? 3   ILE A O   1 
ATOM   21  C CB  . ILE A 1 3  ? 13.745  6.583   -0.781  1.00 39.60 ? 3   ILE A CB  1 
ATOM   22  C CG1 . ILE A 1 3  ? 12.926  7.155   0.394   1.00 39.91 ? 3   ILE A CG1 1 
ATOM   23  C CG2 . ILE A 1 3  ? 14.149  5.146   -0.488  1.00 37.59 ? 3   ILE A CG2 1 
ATOM   24  C CD1 . ILE A 1 3  ? 11.533  6.537   0.586   1.00 39.32 ? 3   ILE A CD1 1 
ATOM   25  N N   . THR A 1 4  ? 16.993  6.327   -1.821  1.00 35.82 ? 4   THR A N   1 
ATOM   26  C CA  . THR A 1 4  ? 17.883  5.756   -2.822  1.00 33.63 ? 4   THR A CA  1 
ATOM   27  C C   . THR A 1 4  ? 17.445  4.316   -2.979  1.00 34.65 ? 4   THR A C   1 
ATOM   28  O O   . THR A 1 4  ? 16.750  3.782   -2.108  1.00 34.96 ? 4   THR A O   1 
ATOM   29  C CB  . THR A 1 4  ? 19.361  5.800   -2.386  1.00 33.21 ? 4   THR A CB  1 
ATOM   30  O OG1 . THR A 1 4  ? 19.531  5.033   -1.185  1.00 32.37 ? 4   THR A OG1 1 
ATOM   31  C CG2 . THR A 1 4  ? 19.814  7.255   -2.173  1.00 31.73 ? 4   THR A CG2 1 
ATOM   32  N N   . LEU A 1 5  ? 17.857  3.681   -4.070  1.00 34.54 ? 5   LEU A N   1 
ATOM   33  C CA  . LEU A 1 5  ? 17.439  2.312   -4.338  1.00 35.07 ? 5   LEU A CA  1 
ATOM   34  C C   . LEU A 1 5  ? 18.497  1.206   -4.113  1.00 36.74 ? 5   LEU A C   1 
ATOM   35  O O   . LEU A 1 5  ? 18.392  0.109   -4.670  1.00 35.78 ? 5   LEU A O   1 
ATOM   36  C CB  . LEU A 1 5  ? 16.861  2.284   -5.764  1.00 32.82 ? 5   LEU A CB  1 
ATOM   37  C CG  . LEU A 1 5  ? 15.633  3.229   -5.862  1.00 32.53 ? 5   LEU A CG  1 
ATOM   38  C CD1 . LEU A 1 5  ? 15.134  3.408   -7.286  1.00 26.26 ? 5   LEU A CD1 1 
ATOM   39  C CD2 . LEU A 1 5  ? 14.519  2.660   -4.974  1.00 31.32 ? 5   LEU A CD2 1 
ATOM   40  N N   . TRP A 1 6  ? 19.503  1.498   -3.282  1.00 37.04 ? 6   TRP A N   1 
ATOM   41  C CA  . TRP A 1 6  ? 20.562  0.548   -2.967  1.00 37.48 ? 6   TRP A CA  1 
ATOM   42  C C   . TRP A 1 6  ? 19.987  -0.692  -2.277  1.00 38.65 ? 6   TRP A C   1 
ATOM   43  O O   . TRP A 1 6  ? 20.546  -1.779  -2.365  1.00 40.79 ? 6   TRP A O   1 
ATOM   44  C CB  . TRP A 1 6  ? 21.638  1.224   -2.090  1.00 37.25 ? 6   TRP A CB  1 
ATOM   45  C CG  . TRP A 1 6  ? 22.474  2.201   -2.889  1.00 37.17 ? 6   TRP A CG  1 
ATOM   46  C CD1 . TRP A 1 6  ? 22.368  3.559   -2.895  1.00 35.74 ? 6   TRP A CD1 1 
ATOM   47  C CD2 . TRP A 1 6  ? 23.436  1.871   -3.906  1.00 36.49 ? 6   TRP A CD2 1 
ATOM   48  N NE1 . TRP A 1 6  ? 23.188  4.099   -3.857  1.00 36.47 ? 6   TRP A NE1 1 
ATOM   49  C CE2 . TRP A 1 6  ? 23.854  3.088   -4.496  1.00 36.80 ? 6   TRP A CE2 1 
ATOM   50  C CE3 . TRP A 1 6  ? 23.975  0.664   -4.380  1.00 36.85 ? 6   TRP A CE3 1 
ATOM   51  C CZ2 . TRP A 1 6  ? 24.785  3.141   -5.539  1.00 37.46 ? 6   TRP A CZ2 1 
ATOM   52  C CZ3 . TRP A 1 6  ? 24.903  0.712   -5.417  1.00 36.73 ? 6   TRP A CZ3 1 
ATOM   53  C CH2 . TRP A 1 6  ? 25.298  1.947   -5.988  1.00 37.28 ? 6   TRP A CH2 1 
ATOM   54  N N   . LYS A 1 7  ? 18.893  -0.512  -1.555  1.00 39.29 ? 7   LYS A N   1 
ATOM   55  C CA  . LYS A 1 7  ? 18.202  -1.628  -0.937  1.00 40.32 ? 7   LYS A CA  1 
ATOM   56  C C   . LYS A 1 7  ? 16.712  -1.427  -1.240  1.00 39.13 ? 7   LYS A C   1 
ATOM   57  O O   . LYS A 1 7  ? 16.319  -0.370  -1.747  1.00 38.57 ? 7   LYS A O   1 
ATOM   58  C CB  . LYS A 1 7  ? 18.467  -1.683  0.568   1.00 43.16 ? 7   LYS A CB  1 
ATOM   59  C CG  . LYS A 1 7  ? 18.280  -0.400  1.357   1.00 46.69 ? 7   LYS A CG  1 
ATOM   60  C CD  . LYS A 1 7  ? 18.769  -0.638  2.806   1.00 49.47 ? 7   LYS A CD  1 
ATOM   61  C CE  . LYS A 1 7  ? 18.545  0.552   3.727   1.00 52.35 ? 7   LYS A CE  1 
ATOM   62  N NZ  . LYS A 1 7  ? 18.907  0.227   5.149   1.00 55.03 ? 7   LYS A NZ  1 
ATOM   63  N N   A ARG A 1 8  ? 15.898  -2.434  -0.948  0.50 38.33 ? 8   ARG A N   1 
ATOM   64  N N   B ARG A 1 8  ? 15.898  -2.442  -0.955  0.50 39.01 ? 8   ARG A N   1 
ATOM   65  C CA  A ARG A 1 8  ? 14.466  -2.351  -1.197  0.50 38.08 ? 8   ARG A CA  1 
ATOM   66  C CA  B ARG A 1 8  ? 14.459  -2.370  -1.198  0.50 39.28 ? 8   ARG A CA  1 
ATOM   67  C C   A ARG A 1 8  ? 13.889  -1.179  -0.440  0.50 38.79 ? 8   ARG A C   1 
ATOM   68  C C   B ARG A 1 8  ? 13.886  -1.187  -0.443  0.50 39.45 ? 8   ARG A C   1 
ATOM   69  O O   A ARG A 1 8  ? 14.099  -1.046  0.767   0.50 39.77 ? 8   ARG A O   1 
ATOM   70  O O   B ARG A 1 8  ? 14.096  -1.056  0.764   0.50 40.36 ? 8   ARG A O   1 
ATOM   71  C CB  A ARG A 1 8  ? 13.794  -3.643  -0.771  0.50 36.68 ? 8   ARG A CB  1 
ATOM   72  C CB  B ARG A 1 8  ? 13.755  -3.643  -0.727  0.50 39.34 ? 8   ARG A CB  1 
ATOM   73  C CG  A ARG A 1 8  ? 14.177  -4.797  -1.660  0.50 35.76 ? 8   ARG A CG  1 
ATOM   74  C CG  B ARG A 1 8  ? 13.986  -4.891  -1.577  0.50 40.81 ? 8   ARG A CG  1 
ATOM   75  C CD  A ARG A 1 8  ? 13.667  -6.101  -1.116  0.50 34.29 ? 8   ARG A CD  1 
ATOM   76  C CD  B ARG A 1 8  ? 12.935  -5.948  -1.229  0.50 41.15 ? 8   ARG A CD  1 
ATOM   77  N NE  A ARG A 1 8  ? 13.994  -7.193  -2.014  0.50 31.83 ? 8   ARG A NE  1 
ATOM   78  N NE  B ARG A 1 8  ? 12.828  -6.112  0.218   0.50 41.32 ? 8   ARG A NE  1 
ATOM   79  C CZ  A ARG A 1 8  ? 13.817  -8.468  -1.710  0.50 32.36 ? 8   ARG A CZ  1 
ATOM   80  C CZ  B ARG A 1 8  ? 11.718  -6.458  0.864   0.50 42.12 ? 8   ARG A CZ  1 
ATOM   81  N NH1 A ARG A 1 8  ? 13.319  -8.802  -0.528  0.50 29.66 ? 8   ARG A NH1 1 
ATOM   82  N NH1 B ARG A 1 8  ? 10.591  -6.686  0.193   0.50 42.31 ? 8   ARG A NH1 1 
ATOM   83  N NH2 A ARG A 1 8  ? 14.136  -9.407  -2.592  0.50 32.15 ? 8   ARG A NH2 1 
ATOM   84  N NH2 B ARG A 1 8  ? 11.739  -6.569  2.189   0.50 40.80 ? 8   ARG A NH2 1 
ATOM   85  N N   . PRO A 1 9  ? 13.146  -0.308  -1.139  1.00 40.05 ? 9   PRO A N   1 
ATOM   86  C CA  . PRO A 1 9  ? 12.558  0.868   -0.488  1.00 39.78 ? 9   PRO A CA  1 
ATOM   87  C C   . PRO A 1 9  ? 11.401  0.550   0.434   1.00 41.89 ? 9   PRO A C   1 
ATOM   88  O O   . PRO A 1 9  ? 10.233  0.699   0.049   1.00 43.53 ? 9   PRO A O   1 
ATOM   89  C CB  . PRO A 1 9  ? 12.156  1.745   -1.677  1.00 36.91 ? 9   PRO A CB  1 
ATOM   90  C CG  . PRO A 1 9  ? 11.702  0.714   -2.656  1.00 36.44 ? 9   PRO A CG  1 
ATOM   91  C CD  . PRO A 1 9  ? 12.782  -0.358  -2.566  1.00 37.54 ? 9   PRO A CD  1 
ATOM   92  N N   . LEU A 1 10 ? 11.717  0.111   1.655   1.00 43.49 ? 10  LEU A N   1 
ATOM   93  C CA  . LEU A 1 10 ? 10.671  -0.197  2.631   1.00 44.35 ? 10  LEU A CA  1 
ATOM   94  C C   . LEU A 1 10 ? 10.436  1.003   3.505   1.00 44.76 ? 10  LEU A C   1 
ATOM   95  O O   . LEU A 1 10 ? 11.383  1.650   3.962   1.00 45.37 ? 10  LEU A O   1 
ATOM   96  C CB  . LEU A 1 10 ? 11.044  -1.392  3.490   1.00 44.21 ? 10  LEU A CB  1 
ATOM   97  C CG  . LEU A 1 10 ? 11.156  -2.660  2.638   1.00 46.57 ? 10  LEU A CG  1 
ATOM   98  C CD1 . LEU A 1 10 ? 11.831  -3.748  3.458   1.00 46.87 ? 10  LEU A CD1 1 
ATOM   99  C CD2 . LEU A 1 10 ? 9.796   -3.108  2.152   1.00 43.66 ? 10  LEU A CD2 1 
ATOM   100 N N   . VAL A 1 11 ? 9.161   1.316   3.703   1.00 44.54 ? 11  VAL A N   1 
ATOM   101 C CA  . VAL A 1 11 ? 8.760   2.451   4.508   1.00 45.62 ? 11  VAL A CA  1 
ATOM   102 C C   . VAL A 1 11 ? 7.713   2.016   5.503   1.00 47.24 ? 11  VAL A C   1 
ATOM   103 O O   . VAL A 1 11 ? 7.238   0.872   5.481   1.00 48.11 ? 11  VAL A O   1 
ATOM   104 C CB  . VAL A 1 11 ? 8.132   3.592   3.657   1.00 44.17 ? 11  VAL A CB  1 
ATOM   105 C CG1 . VAL A 1 11 ? 9.151   4.164   2.705   1.00 43.17 ? 11  VAL A CG1 1 
ATOM   106 C CG2 . VAL A 1 11 ? 6.927   3.063   2.896   1.00 43.83 ? 11  VAL A CG2 1 
ATOM   107 N N   . THR A 1 12 ? 7.353   2.950   6.375   1.00 48.09 ? 12  THR A N   1 
ATOM   108 C CA  . THR A 1 12 ? 6.331   2.706   7.365   1.00 49.41 ? 12  THR A CA  1 
ATOM   109 C C   . THR A 1 12 ? 5.063   3.431   6.923   1.00 50.50 ? 12  THR A C   1 
ATOM   110 O O   . THR A 1 12 ? 5.113   4.591   6.482   1.00 50.09 ? 12  THR A O   1 
ATOM   111 C CB  . THR A 1 12 ? 6.775   3.210   8.766   1.00 50.45 ? 12  THR A CB  1 
ATOM   112 O OG1 . THR A 1 12 ? 7.822   2.364   9.267   1.00 51.83 ? 12  THR A OG1 1 
ATOM   113 C CG2 . THR A 1 12 ? 5.609   3.183   9.749   1.00 49.76 ? 12  THR A CG2 1 
ATOM   114 N N   . ILE A 1 13 ? 3.935   2.726   7.006   1.00 50.93 ? 13  ILE A N   1 
ATOM   115 C CA  . ILE A 1 13 ? 2.635   3.291   6.662   1.00 52.18 ? 13  ILE A CA  1 
ATOM   116 C C   . ILE A 1 13 ? 1.693   3.130   7.851   1.00 51.89 ? 13  ILE A C   1 
ATOM   117 O O   . ILE A 1 13 ? 1.645   2.070   8.476   1.00 51.86 ? 13  ILE A O   1 
ATOM   118 C CB  . ILE A 1 13 ? 1.985   2.554   5.472   1.00 53.25 ? 13  ILE A CB  1 
ATOM   119 C CG1 . ILE A 1 13 ? 1.852   1.072   5.804   1.00 53.93 ? 13  ILE A CG1 1 
ATOM   120 C CG2 . ILE A 1 13 ? 2.818   2.725   4.231   1.00 56.18 ? 13  ILE A CG2 1 
ATOM   121 C CD1 . ILE A 1 13 ? 1.264   0.242   4.712   1.00 55.80 ? 13  ILE A CD1 1 
ATOM   122 N N   . LYS A 1 14 ? 0.947   4.176   8.169   1.00 52.07 ? 14  LYS A N   1 
ATOM   123 C CA  . LYS A 1 14 ? -0.025  4.096   9.248   1.00 51.25 ? 14  LYS A CA  1 
ATOM   124 C C   . LYS A 1 14 ? -1.382  3.936   8.566   1.00 50.97 ? 14  LYS A C   1 
ATOM   125 O O   . LYS A 1 14 ? -1.799  4.771   7.768   1.00 49.60 ? 14  LYS A O   1 
ATOM   126 C CB  . LYS A 1 14 ? 0.023   5.360   10.106  1.00 51.92 ? 14  LYS A CB  1 
ATOM   127 C CG  . LYS A 1 14 ? -0.960  5.366   11.264  1.00 52.55 ? 14  LYS A CG  1 
ATOM   128 C CD  . LYS A 1 14 ? -0.580  6.417   12.301  1.00 53.90 ? 14  LYS A CD  1 
ATOM   129 C CE  . LYS A 1 14 ? -0.669  7.840   11.760  1.00 55.15 ? 14  LYS A CE  1 
ATOM   130 N NZ  . LYS A 1 14 ? 0.353   8.131   10.716  0.00 54.64 ? 14  LYS A NZ  1 
ATOM   131 N N   . ILE A 1 15 ? -2.054  2.835   8.853   1.00 51.70 ? 15  ILE A N   1 
ATOM   132 C CA  . ILE A 1 15 ? -3.350  2.560   8.254   1.00 52.33 ? 15  ILE A CA  1 
ATOM   133 C C   . ILE A 1 15 ? -4.151  1.839   9.316   1.00 54.41 ? 15  ILE A C   1 
ATOM   134 O O   . ILE A 1 15 ? -3.612  0.993   10.016  1.00 55.47 ? 15  ILE A O   1 
ATOM   135 C CB  . ILE A 1 15 ? -3.194  1.657   7.004   1.00 51.64 ? 15  ILE A CB  1 
ATOM   136 C CG1 . ILE A 1 15 ? -4.560  1.382   6.377   1.00 51.43 ? 15  ILE A CG1 1 
ATOM   137 C CG2 . ILE A 1 15 ? -2.500  0.359   7.374   1.00 49.35 ? 15  ILE A CG2 1 
ATOM   138 C CD1 . ILE A 1 15 ? -4.489  0.586   5.086   1.00 49.56 ? 15  ILE A CD1 1 
ATOM   139 N N   . GLY A 1 16 ? -5.430  2.169   9.447   1.00 55.91 ? 16  GLY A N   1 
ATOM   140 C CA  . GLY A 1 16 ? -6.234  1.519   10.462  1.00 57.01 ? 16  GLY A CA  1 
ATOM   141 C C   . GLY A 1 16 ? -5.642  1.700   11.850  1.00 58.76 ? 16  GLY A C   1 
ATOM   142 O O   . GLY A 1 16 ? -5.849  0.866   12.733  1.00 58.76 ? 16  GLY A O   1 
ATOM   143 N N   . GLY A 1 17 ? -4.889  2.781   12.041  1.00 59.98 ? 17  GLY A N   1 
ATOM   144 C CA  . GLY A 1 17 ? -4.281  3.046   13.336  1.00 61.85 ? 17  GLY A CA  1 
ATOM   145 C C   . GLY A 1 17 ? -3.030  2.233   13.629  1.00 62.43 ? 17  GLY A C   1 
ATOM   146 O O   . GLY A 1 17 ? -2.295  2.525   14.567  1.00 62.57 ? 17  GLY A O   1 
ATOM   147 N N   . GLN A 1 18 ? -2.789  1.204   12.829  1.00 62.97 ? 18  GLN A N   1 
ATOM   148 C CA  . GLN A 1 18 ? -1.616  0.367   13.013  1.00 63.66 ? 18  GLN A CA  1 
ATOM   149 C C   . GLN A 1 18 ? -0.504  0.850   12.096  1.00 63.18 ? 18  GLN A C   1 
ATOM   150 O O   . GLN A 1 18 ? -0.756  1.510   11.088  1.00 63.63 ? 18  GLN A O   1 
ATOM   151 C CB  . GLN A 1 18 ? -1.936  -1.087  12.669  1.00 64.70 ? 18  GLN A CB  1 
ATOM   152 C CG  . GLN A 1 18 ? -3.224  -1.615  13.268  1.00 67.50 ? 18  GLN A CG  1 
ATOM   153 C CD  . GLN A 1 18 ? -3.600  -2.961  12.686  1.00 69.28 ? 18  GLN A CD  1 
ATOM   154 O OE1 . GLN A 1 18 ? -2.814  -3.909  12.743  1.00 70.24 ? 18  GLN A OE1 1 
ATOM   155 N NE2 . GLN A 1 18 ? -4.806  -3.057  12.118  1.00 69.77 ? 18  GLN A NE2 1 
ATOM   156 N N   . LEU A 1 19 ? 0.729   0.523   12.454  1.00 61.93 ? 19  LEU A N   1 
ATOM   157 C CA  . LEU A 1 19 ? 1.876   0.893   11.642  1.00 60.77 ? 19  LEU A CA  1 
ATOM   158 C C   . LEU A 1 19 ? 2.305   -0.387  10.937  1.00 60.10 ? 19  LEU A C   1 
ATOM   159 O O   . LEU A 1 19 ? 2.125   -1.473  11.482  1.00 60.24 ? 19  LEU A O   1 
ATOM   160 C CB  . LEU A 1 19 ? 3.013   1.411   12.524  1.00 60.74 ? 19  LEU A CB  1 
ATOM   161 C CG  . LEU A 1 19 ? 2.727   2.702   13.287  1.00 61.66 ? 19  LEU A CG  1 
ATOM   162 C CD1 . LEU A 1 19 ? 3.958   3.107   14.062  1.00 61.45 ? 19  LEU A CD1 1 
ATOM   163 C CD2 . LEU A 1 19 ? 2.339   3.811   12.314  1.00 62.25 ? 19  LEU A CD2 1 
ATOM   164 N N   . LYS A 1 20 ? 2.844   -0.270  9.726   1.00 58.51 ? 20  LYS A N   1 
ATOM   165 C CA  . LYS A 1 20 ? 3.299   -1.440  8.981   1.00 57.22 ? 20  LYS A CA  1 
ATOM   166 C C   . LYS A 1 20 ? 4.413   -1.096  8.001   1.00 55.87 ? 20  LYS A C   1 
ATOM   167 O O   . LYS A 1 20 ? 4.584   0.060   7.651   1.00 56.12 ? 20  LYS A O   1 
ATOM   168 C CB  . LYS A 1 20 ? 2.130   -2.074  8.225   1.00 58.68 ? 20  LYS A CB  1 
ATOM   169 C CG  . LYS A 1 20 ? 1.126   -2.738  9.119   1.00 60.62 ? 20  LYS A CG  1 
ATOM   170 C CD  . LYS A 1 20 ? 0.230   -3.667  8.346   1.00 64.15 ? 20  LYS A CD  1 
ATOM   171 C CE  . LYS A 1 20 ? -0.614  -4.506  9.302   1.00 66.01 ? 20  LYS A CE  1 
ATOM   172 N NZ  . LYS A 1 20 ? -1.330  -3.642  10.287  1.00 65.71 ? 20  LYS A NZ  1 
ATOM   173 N N   A GLU A 1 21 ? 5.172   -2.108  7.577   0.50 55.00 ? 21  GLU A N   1 
ATOM   174 N N   B GLU A 1 21 ? 5.163   -2.105  7.567   0.50 55.14 ? 21  GLU A N   1 
ATOM   175 C CA  A GLU A 1 21 ? 6.259   -1.916  6.615   0.50 53.58 ? 21  GLU A CA  1 
ATOM   176 C CA  B GLU A 1 21 ? 6.254   -1.894  6.620   0.50 53.82 ? 21  GLU A CA  1 
ATOM   177 C C   A GLU A 1 21 ? 5.801   -2.350  5.228   0.50 52.13 ? 21  GLU A C   1 
ATOM   178 C C   B GLU A 1 21 ? 5.818   -2.348  5.230   0.50 52.30 ? 21  GLU A C   1 
ATOM   179 O O   A GLU A 1 21 ? 5.471   -3.515  5.008   0.50 51.71 ? 21  GLU A O   1 
ATOM   180 O O   B GLU A 1 21 ? 5.520   -3.522  5.013   0.50 51.86 ? 21  GLU A O   1 
ATOM   181 C CB  A GLU A 1 21 ? 7.513   -2.731  6.991   0.50 53.52 ? 21  GLU A CB  1 
ATOM   182 C CB  B GLU A 1 21 ? 7.503   -2.677  7.052   0.50 54.10 ? 21  GLU A CB  1 
ATOM   183 C CG  A GLU A 1 21 ? 8.559   -1.978  7.818   0.50 54.07 ? 21  GLU A CG  1 
ATOM   184 C CG  B GLU A 1 21 ? 8.032   -2.312  8.434   0.50 55.04 ? 21  GLU A CG  1 
ATOM   185 C CD  A GLU A 1 21 ? 10.000  -2.342  7.445   0.50 54.36 ? 21  GLU A CD  1 
ATOM   186 C CD  B GLU A 1 21 ? 8.584   -0.896  8.524   0.50 55.74 ? 21  GLU A CD  1 
ATOM   187 O OE1 A GLU A 1 21 ? 10.300  -3.540  7.265   0.50 53.99 ? 21  GLU A OE1 1 
ATOM   188 O OE1 B GLU A 1 21 ? 9.609   -0.605  7.871   0.50 55.65 ? 21  GLU A OE1 1 
ATOM   189 O OE2 A GLU A 1 21 ? 10.842  -1.425  7.346   0.50 53.75 ? 21  GLU A OE2 1 
ATOM   190 O OE2 B GLU A 1 21 ? 7.993   -0.076  9.255   0.50 55.17 ? 21  GLU A OE2 1 
ATOM   191 N N   . ALA A 1 22 ? 5.789   -1.413  4.290   1.00 50.62 ? 22  ALA A N   1 
ATOM   192 C CA  . ALA A 1 22 ? 5.381   -1.723  2.934   1.00 47.48 ? 22  ALA A CA  1 
ATOM   193 C C   . ALA A 1 22 ? 6.509   -1.319  2.016   1.00 45.29 ? 22  ALA A C   1 
ATOM   194 O O   . ALA A 1 22 ? 7.385   -0.556  2.388   1.00 45.54 ? 22  ALA A O   1 
ATOM   195 C CB  . ALA A 1 22 ? 4.117   -0.965  2.579   1.00 46.16 ? 22  ALA A CB  1 
ATOM   196 N N   . LEU A 1 23 ? 6.479   -1.831  0.804   1.00 41.38 ? 23  LEU A N   1 
ATOM   197 C CA  . LEU A 1 23 ? 7.510   -1.547  -0.161  1.00 38.76 ? 23  LEU A CA  1 
ATOM   198 C C   . LEU A 1 23 ? 6.996   -0.559  -1.207  1.00 37.78 ? 23  LEU A C   1 
ATOM   199 O O   . LEU A 1 23 ? 5.931   -0.782  -1.790  1.00 37.11 ? 23  LEU A O   1 
ATOM   200 C CB  . LEU A 1 23 ? 7.886   -2.866  -0.820  1.00 37.14 ? 23  LEU A CB  1 
ATOM   201 C CG  . LEU A 1 23 ? 8.710   -2.897  -2.091  1.00 37.39 ? 23  LEU A CG  1 
ATOM   202 C CD1 . LEU A 1 23 ? 10.200  -2.752  -1.757  1.00 35.69 ? 23  LEU A CD1 1 
ATOM   203 C CD2 . LEU A 1 23 ? 8.434   -4.239  -2.769  1.00 32.57 ? 23  LEU A CD2 1 
ATOM   204 N N   . ILE A 1 24 ? 7.717   0.537   -1.436  1.00 35.06 ? 24  ILE A N   1 
ATOM   205 C CA  . ILE A 1 24 ? 7.275   1.467   -2.469  1.00 34.95 ? 24  ILE A CA  1 
ATOM   206 C C   . ILE A 1 24 ? 7.564   0.761   -3.793  1.00 33.85 ? 24  ILE A C   1 
ATOM   207 O O   . ILE A 1 24 ? 8.706   0.446   -4.121  1.00 33.06 ? 24  ILE A O   1 
ATOM   208 C CB  . ILE A 1 24 ? 8.013   2.794   -2.395  1.00 37.61 ? 24  ILE A CB  1 
ATOM   209 C CG1 . ILE A 1 24 ? 7.692   3.480   -1.066  1.00 36.32 ? 24  ILE A CG1 1 
ATOM   210 C CG2 . ILE A 1 24 ? 7.589   3.690   -3.563  1.00 35.16 ? 24  ILE A CG2 1 
ATOM   211 C CD1 . ILE A 1 24 ? 8.224   4.881   -0.971  1.00 37.33 ? 24  ILE A CD1 1 
ATOM   212 N N   . ASP A 1 25 ? 6.511   0.486   -4.548  1.00 33.48 ? 25  ASP A N   1 
ATOM   213 C CA  . ASP A 1 25 ? 6.645   -0.254  -5.784  1.00 33.25 ? 25  ASP A CA  1 
ATOM   214 C C   . ASP A 1 25 ? 6.059   0.485   -6.987  1.00 33.02 ? 25  ASP A C   1 
ATOM   215 O O   . ASP A 1 25 ? 4.852   0.396   -7.258  1.00 33.46 ? 25  ASP A O   1 
ATOM   216 C CB  . ASP A 1 25 ? 5.949   -1.600  -5.603  1.00 36.80 ? 25  ASP A CB  1 
ATOM   217 C CG  . ASP A 1 25 ? 6.208   -2.560  -6.764  1.00 41.98 ? 25  ASP A CG  1 
ATOM   218 O OD1 . ASP A 1 25 ? 6.715   -2.107  -7.827  1.00 41.97 ? 25  ASP A OD1 1 
ATOM   219 O OD2 . ASP A 1 25 ? 5.895   -3.766  -6.612  1.00 45.07 ? 25  ASP A OD2 1 
ATOM   220 N N   . THR A 1 26 ? 6.912   1.190   -7.724  1.00 31.80 ? 26  THR A N   1 
ATOM   221 C CA  . THR A 1 26 ? 6.453   1.943   -8.882  1.00 31.36 ? 26  THR A CA  1 
ATOM   222 C C   . THR A 1 26 ? 5.963   1.038   -10.006 1.00 31.66 ? 26  THR A C   1 
ATOM   223 O O   . THR A 1 26 ? 5.284   1.499   -10.928 1.00 32.38 ? 26  THR A O   1 
ATOM   224 C CB  . THR A 1 26 ? 7.539   2.879   -9.438  1.00 29.97 ? 26  THR A CB  1 
ATOM   225 O OG1 . THR A 1 26 ? 8.618   2.108   -9.987  1.00 30.71 ? 26  THR A OG1 1 
ATOM   226 C CG2 . THR A 1 26 ? 8.056   3.813   -8.338  1.00 28.23 ? 26  THR A CG2 1 
ATOM   227 N N   . GLY A 1 27 ? 6.282   -0.248  -9.921  1.00 32.16 ? 27  GLY A N   1 
ATOM   228 C CA  . GLY A 1 27 ? 5.846   -1.180  -10.949 1.00 32.41 ? 27  GLY A CA  1 
ATOM   229 C C   . GLY A 1 27 ? 4.499   -1.834  -10.629 1.00 33.13 ? 27  GLY A C   1 
ATOM   230 O O   . GLY A 1 27 ? 4.079   -2.736  -11.335 1.00 33.02 ? 27  GLY A O   1 
ATOM   231 N N   . ALA A 1 28 ? 3.824   -1.375  -9.573  1.00 33.29 ? 28  ALA A N   1 
ATOM   232 C CA  . ALA A 1 28 ? 2.527   -1.938  -9.161  1.00 34.44 ? 28  ALA A CA  1 
ATOM   233 C C   . ALA A 1 28 ? 1.458   -0.855  -9.253  1.00 35.11 ? 28  ALA A C   1 
ATOM   234 O O   . ALA A 1 28 ? 1.624   0.240   -8.712  1.00 32.36 ? 28  ALA A O   1 
ATOM   235 C CB  . ALA A 1 28 ? 2.598   -2.466  -7.701  1.00 30.32 ? 28  ALA A CB  1 
ATOM   236 N N   . ASP A 1 29 ? 0.356   -1.161  -9.928  1.00 36.68 ? 29  ASP A N   1 
ATOM   237 C CA  . ASP A 1 29 ? -0.719  -0.185  -10.075 1.00 38.11 ? 29  ASP A CA  1 
ATOM   238 C C   . ASP A 1 29 ? -1.422  0.030   -8.752  1.00 37.93 ? 29  ASP A C   1 
ATOM   239 O O   . ASP A 1 29 ? -1.730  1.162   -8.397  1.00 38.08 ? 29  ASP A O   1 
ATOM   240 C CB  . ASP A 1 29 ? -1.749  -0.642  -11.112 1.00 39.71 ? 29  ASP A CB  1 
ATOM   241 C CG  . ASP A 1 29 ? -1.125  -0.981  -12.457 1.00 43.29 ? 29  ASP A CG  1 
ATOM   242 O OD1 . ASP A 1 29 ? -0.121  -0.339  -12.848 1.00 43.41 ? 29  ASP A OD1 1 
ATOM   243 O OD2 . ASP A 1 29 ? -1.652  -1.894  -13.132 1.00 46.15 ? 29  ASP A OD2 1 
ATOM   244 N N   . ASP A 1 30 ? -1.620  -1.055  -8.012  1.00 38.05 ? 30  ASP A N   1 
ATOM   245 C CA  . ASP A 1 30 ? -2.340  -1.011  -6.745  1.00 39.68 ? 30  ASP A CA  1 
ATOM   246 C C   . ASP A 1 30 ? -1.580  -1.305  -5.473  1.00 39.09 ? 30  ASP A C   1 
ATOM   247 O O   . ASP A 1 30 ? -0.480  -1.833  -5.483  1.00 39.26 ? 30  ASP A O   1 
ATOM   248 C CB  . ASP A 1 30 ? -3.545  -1.962  -6.802  1.00 43.12 ? 30  ASP A CB  1 
ATOM   249 C CG  . ASP A 1 30 ? -4.487  -1.646  -7.956  1.00 47.87 ? 30  ASP A CG  1 
ATOM   250 O OD1 . ASP A 1 30 ? -4.983  -0.486  -8.033  1.00 50.26 ? 30  ASP A OD1 1 
ATOM   251 O OD2 . ASP A 1 30 ? -4.734  -2.560  -8.780  1.00 50.35 ? 30  ASP A OD2 1 
ATOM   252 N N   . THR A 1 31 ? -2.221  -0.967  -4.367  1.00 38.58 ? 31  THR A N   1 
ATOM   253 C CA  . THR A 1 31 ? -1.668  -1.158  -3.053  1.00 38.80 ? 31  THR A CA  1 
ATOM   254 C C   . THR A 1 31 ? -2.335  -2.363  -2.403  1.00 40.94 ? 31  THR A C   1 
ATOM   255 O O   . THR A 1 31 ? -3.564  -2.445  -2.369  1.00 39.88 ? 31  THR A O   1 
ATOM   256 C CB  . THR A 1 31 ? -1.926  0.087   -2.196  1.00 39.44 ? 31  THR A CB  1 
ATOM   257 O OG1 . THR A 1 31 ? -1.255  1.217   -2.783  1.00 39.84 ? 31  THR A OG1 1 
ATOM   258 C CG2 . THR A 1 31 ? -1.453  -0.137  -0.757  1.00 37.15 ? 31  THR A CG2 1 
ATOM   259 N N   . VAL A 1 32 ? -1.534  -3.306  -1.914  1.00 41.70 ? 32  VAL A N   1 
ATOM   260 C CA  . VAL A 1 32 ? -2.085  -4.480  -1.255  1.00 42.47 ? 32  VAL A CA  1 
ATOM   261 C C   . VAL A 1 32 ? -1.295  -4.826  -0.009  1.00 43.69 ? 32  VAL A C   1 
ATOM   262 O O   . VAL A 1 32 ? -0.098  -5.048  -0.057  1.00 44.66 ? 32  VAL A O   1 
ATOM   263 C CB  . VAL A 1 32 ? -2.165  -5.720  -2.202  1.00 43.47 ? 32  VAL A CB  1 
ATOM   264 C CG1 . VAL A 1 32 ? -0.809  -6.161  -2.632  1.00 42.56 ? 32  VAL A CG1 1 
ATOM   265 C CG2 . VAL A 1 32 ? -2.870  -6.854  -1.496  1.00 44.39 ? 32  VAL A CG2 1 
ATOM   266 N N   . LEU A 1 33 ? -1.990  -4.834  1.117   1.00 44.88 ? 33  LEU A N   1 
ATOM   267 C CA  . LEU A 1 33 ? -1.395  -5.138  2.389   1.00 46.56 ? 33  LEU A CA  1 
ATOM   268 C C   . LEU A 1 33 ? -1.855  -6.491  2.924   1.00 48.46 ? 33  LEU A C   1 
ATOM   269 O O   . LEU A 1 33 ? -2.876  -7.033  2.492   1.00 48.58 ? 33  LEU A O   1 
ATOM   270 C CB  . LEU A 1 33 ? -1.777  -4.062  3.389   1.00 45.59 ? 33  LEU A CB  1 
ATOM   271 C CG  . LEU A 1 33 ? -1.384  -2.647  3.029   1.00 45.91 ? 33  LEU A CG  1 
ATOM   272 C CD1 . LEU A 1 33 ? -1.659  -1.759  4.220   1.00 46.70 ? 33  LEU A CD1 1 
ATOM   273 C CD2 . LEU A 1 33 ? 0.084   -2.601  2.658   1.00 46.07 ? 33  LEU A CD2 1 
ATOM   274 N N   A GLU A 1 34 ? -1.089  -7.041  3.858   0.50 49.21 ? 34  GLU A N   1 
ATOM   275 N N   B GLU A 1 34 ? -1.096  -7.028  3.872   0.50 49.43 ? 34  GLU A N   1 
ATOM   276 C CA  A GLU A 1 34 ? -1.432  -8.316  4.472   0.50 50.31 ? 34  GLU A CA  1 
ATOM   277 C CA  B GLU A 1 34 ? -1.435  -8.304  4.479   0.50 50.70 ? 34  GLU A CA  1 
ATOM   278 C C   A GLU A 1 34 ? -2.643  -8.099  5.380   0.50 50.85 ? 34  GLU A C   1 
ATOM   279 C C   B GLU A 1 34 ? -2.669  -8.091  5.355   0.50 51.11 ? 34  GLU A C   1 
ATOM   280 O O   A GLU A 1 34 ? -2.934  -6.969  5.777   0.50 50.75 ? 34  GLU A O   1 
ATOM   281 O O   B GLU A 1 34 ? -3.000  -6.958  5.710   0.50 50.93 ? 34  GLU A O   1 
ATOM   282 C CB  A GLU A 1 34 ? -0.242  -8.851  5.275   0.50 50.40 ? 34  GLU A CB  1 
ATOM   283 C CB  B GLU A 1 34 ? -0.275  -8.815  5.343   0.50 51.29 ? 34  GLU A CB  1 
ATOM   284 C CG  A GLU A 1 34 ? 0.400   -7.827  6.195   0.50 50.80 ? 34  GLU A CG  1 
ATOM   285 C CG  B GLU A 1 34 ? -0.353  -8.412  6.816   0.50 52.28 ? 34  GLU A CG  1 
ATOM   286 C CD  A GLU A 1 34 ? 1.680   -8.330  6.838   0.50 51.26 ? 34  GLU A CD  1 
ATOM   287 C CD  B GLU A 1 34 ? 0.188   -7.031  7.094   0.50 53.93 ? 34  GLU A CD  1 
ATOM   288 O OE1 A GLU A 1 34 ? 2.427   -9.090  6.182   0.50 50.27 ? 34  GLU A OE1 1 
ATOM   289 O OE1 B GLU A 1 34 ? 1.350   -6.932  7.549   0.50 54.46 ? 34  GLU A OE1 1 
ATOM   290 O OE2 A GLU A 1 34 ? 1.947   -7.947  7.995   0.50 51.95 ? 34  GLU A OE2 1 
ATOM   291 O OE2 B GLU A 1 34 ? -0.544  -6.046  6.851   0.50 54.62 ? 34  GLU A OE2 1 
ATOM   292 N N   . GLU A 1 35 ? -3.351  -9.179  5.694   1.00 50.93 ? 35  GLU A N   1 
ATOM   293 C CA  . GLU A 1 35 ? -4.533  -9.102  6.537   1.00 52.22 ? 35  GLU A CA  1 
ATOM   294 C C   . GLU A 1 35 ? -4.422  -8.193  7.769   1.00 52.40 ? 35  GLU A C   1 
ATOM   295 O O   . GLU A 1 35 ? -3.478  -8.267  8.566   1.00 52.06 ? 35  GLU A O   1 
ATOM   296 C CB  . GLU A 1 35 ? -4.937  -10.502 6.996   1.00 54.52 ? 35  GLU A CB  1 
ATOM   297 C CG  . GLU A 1 35 ? -6.313  -10.556 7.672   1.00 55.24 ? 35  GLU A CG  1 
ATOM   298 C CD  . GLU A 1 35 ? -7.418  -10.175 6.718   1.00 56.47 ? 35  GLU A CD  1 
ATOM   299 O OE1 . GLU A 1 35 ? -7.520  -10.834 5.657   1.00 58.60 ? 35  GLU A OE1 1 
ATOM   300 O OE2 . GLU A 1 35 ? -8.173  -9.223  7.024   1.00 55.90 ? 35  GLU A OE2 1 
ATOM   301 N N   . MET A 1 36 ? -5.412  -7.327  7.912   1.00 53.90 ? 36  MET A N   1 
ATOM   302 C CA  . MET A 1 36 ? -5.467  -6.404  9.030   1.00 57.39 ? 36  MET A CA  1 
ATOM   303 C C   . MET A 1 36 ? -6.917  -6.020  9.184   1.00 59.56 ? 36  MET A C   1 
ATOM   304 O O   . MET A 1 36 ? -7.734  -6.299  8.300   1.00 59.43 ? 36  MET A O   1 
ATOM   305 C CB  . MET A 1 36 ? -4.663  -5.141  8.758   1.00 57.22 ? 36  MET A CB  1 
ATOM   306 C CG  . MET A 1 36 ? -5.319  -4.203  7.773   1.00 57.21 ? 36  MET A CG  1 
ATOM   307 S SD  . MET A 1 36 ? -4.234  -2.847  7.514   1.00 58.65 ? 36  MET A SD  1 
ATOM   308 C CE  . MET A 1 36 ? -2.826  -3.766  6.886   1.00 59.14 ? 36  MET A CE  1 
ATOM   309 N N   . ASN A 1 37 ? -7.226  -5.351  10.286  1.00 61.48 ? 37  ASN A N   1 
ATOM   310 C CA  . ASN A 1 37 ? -8.588  -4.958  10.549  1.00 64.53 ? 37  ASN A CA  1 
ATOM   311 C C   . ASN A 1 37 ? -8.865  -3.528  10.120  1.00 64.60 ? 37  ASN A C   1 
ATOM   312 O O   . ASN A 1 37 ? -8.359  -2.575  10.720  1.00 65.59 ? 37  ASN A O   1 
ATOM   313 C CB  . ASN A 1 37 ? -8.892  -5.142  12.039  1.00 67.99 ? 37  ASN A CB  1 
ATOM   314 C CG  . ASN A 1 37 ? -10.382 -5.335  12.305  1.00 71.23 ? 37  ASN A CG  1 
ATOM   315 O OD1 . ASN A 1 37 ? -11.059 -6.100  11.595  1.00 71.43 ? 37  ASN A OD1 1 
ATOM   316 N ND2 . ASN A 1 37 ? -10.901 -4.649  13.335  1.00 72.97 ? 37  ASN A ND2 1 
ATOM   317 N N   . LEU A 1 38 ? -9.656  -3.381  9.064   1.00 63.92 ? 38  LEU A N   1 
ATOM   318 C CA  . LEU A 1 38 ? -10.009 -2.061  8.582   1.00 64.15 ? 38  LEU A CA  1 
ATOM   319 C C   . LEU A 1 38 ? -11.498 -1.849  8.770   1.00 65.57 ? 38  LEU A C   1 
ATOM   320 O O   . LEU A 1 38 ? -12.295 -2.783  8.632   1.00 66.92 ? 38  LEU A O   1 
ATOM   321 C CB  . LEU A 1 38 ? -9.639  -1.882  7.101   1.00 61.68 ? 38  LEU A CB  1 
ATOM   322 C CG  . LEU A 1 38 ? -8.193  -1.506  6.780   1.00 58.58 ? 38  LEU A CG  1 
ATOM   323 C CD1 . LEU A 1 38 ? -8.020  -1.454  5.291   1.00 57.20 ? 38  LEU A CD1 1 
ATOM   324 C CD2 . LEU A 1 38 ? -7.852  -0.166  7.402   1.00 58.26 ? 38  LEU A CD2 1 
ATOM   325 N N   . PRO A 1 39 ? -11.890 -0.609  9.106   1.00 66.45 ? 39  PRO A N   1 
ATOM   326 C CA  . PRO A 1 39 ? -13.281 -0.214  9.326   1.00 65.92 ? 39  PRO A CA  1 
ATOM   327 C C   . PRO A 1 39 ? -13.943 0.149   8.024   1.00 64.68 ? 39  PRO A C   1 
ATOM   328 O O   . PRO A 1 39 ? -13.344 0.808   7.173   1.00 63.39 ? 39  PRO A O   1 
ATOM   329 C CB  . PRO A 1 39 ? -13.147 1.012   10.216  1.00 67.14 ? 39  PRO A CB  1 
ATOM   330 C CG  . PRO A 1 39 ? -11.946 1.683   9.620   1.00 67.24 ? 39  PRO A CG  1 
ATOM   331 C CD  . PRO A 1 39 ? -10.981 0.509   9.440   1.00 67.05 ? 39  PRO A CD  1 
ATOM   332 N N   . GLY A 1 40 ? -15.183 -0.281  7.871   1.00 63.44 ? 40  GLY A N   1 
ATOM   333 C CA  . GLY A 1 40 ? -15.897 0.067   6.666   1.00 61.79 ? 40  GLY A CA  1 
ATOM   334 C C   . GLY A 1 40 ? -16.367 -1.095  5.838   1.00 60.10 ? 40  GLY A C   1 
ATOM   335 O O   . GLY A 1 40 ? -16.127 -2.259  6.155   1.00 59.54 ? 40  GLY A O   1 
ATOM   336 N N   . ARG A 1 41 ? -17.066 -0.748  4.771   1.00 58.17 ? 41  ARG A N   1 
ATOM   337 C CA  . ARG A 1 41 ? -17.584 -1.722  3.847   1.00 55.92 ? 41  ARG A CA  1 
ATOM   338 C C   . ARG A 1 41 ? -16.451 -1.920  2.871   1.00 54.13 ? 41  ARG A C   1 
ATOM   339 O O   . ARG A 1 41 ? -15.591 -1.046  2.725   1.00 54.88 ? 41  ARG A O   1 
ATOM   340 C CB  . ARG A 1 41 ? -18.798 -1.149  3.131   0.50 56.40 ? 41  ARG A CB  1 
ATOM   341 C CG  . ARG A 1 41 ? -18.523 0.225   2.591   0.50 57.26 ? 41  ARG A CG  1 
ATOM   342 C CD  . ARG A 1 41 ? -19.750 0.860   2.001   0.50 58.87 ? 41  ARG A CD  1 
ATOM   343 N NE  . ARG A 1 41 ? -19.483 2.246   1.634   0.50 59.77 ? 41  ARG A NE  1 
ATOM   344 C CZ  . ARG A 1 41 ? -20.391 3.065   1.117   0.50 61.06 ? 41  ARG A CZ  1 
ATOM   345 N NH1 . ARG A 1 41 ? -21.627 2.629   0.907   0.50 60.94 ? 41  ARG A NH1 1 
ATOM   346 N NH2 . ARG A 1 41 ? -20.065 4.315   0.813   0.50 60.50 ? 41  ARG A NH2 1 
ATOM   347 N N   . TRP A 1 42 ? -16.454 -3.068  2.209   1.00 51.22 ? 42  TRP A N   1 
ATOM   348 C CA  . TRP A 1 42 ? -15.442 -3.398  1.230   1.00 48.82 ? 42  TRP A CA  1 
ATOM   349 C C   . TRP A 1 42 ? -16.122 -4.218  0.169   1.00 48.61 ? 42  TRP A C   1 
ATOM   350 O O   . TRP A 1 42 ? -17.285 -4.579  0.318   1.00 49.83 ? 42  TRP A O   1 
ATOM   351 C CB  . TRP A 1 42 ? -14.322 -4.218  1.877   1.00 47.70 ? 42  TRP A CB  1 
ATOM   352 C CG  . TRP A 1 42 ? -14.814 -5.410  2.662   1.00 46.12 ? 42  TRP A CG  1 
ATOM   353 C CD1 . TRP A 1 42 ? -15.113 -5.456  4.012   1.00 45.66 ? 42  TRP A CD1 1 
ATOM   354 C CD2 . TRP A 1 42 ? -15.101 -6.722  2.144   1.00 43.71 ? 42  TRP A CD2 1 
ATOM   355 N NE1 . TRP A 1 42 ? -15.568 -6.718  4.350   1.00 45.46 ? 42  TRP A NE1 1 
ATOM   356 C CE2 . TRP A 1 42 ? -15.573 -7.509  3.226   1.00 43.74 ? 42  TRP A CE2 1 
ATOM   357 C CE3 . TRP A 1 42 ? -15.003 -7.309  0.871   1.00 42.87 ? 42  TRP A CE3 1 
ATOM   358 C CZ2 . TRP A 1 42 ? -15.945 -8.844  3.070   1.00 42.51 ? 42  TRP A CZ2 1 
ATOM   359 C CZ3 . TRP A 1 42 ? -15.370 -8.642  0.715   1.00 41.47 ? 42  TRP A CZ3 1 
ATOM   360 C CH2 . TRP A 1 42 ? -15.837 -9.394  1.811   1.00 41.76 ? 42  TRP A CH2 1 
ATOM   361 N N   . LYS A 1 43 ? -15.417 -4.499  -0.917  1.00 49.72 ? 43  LYS A N   1 
ATOM   362 C CA  . LYS A 1 43 ? -15.980 -5.322  -1.981  1.00 50.57 ? 43  LYS A CA  1 
ATOM   363 C C   . LYS A 1 43 ? -14.948 -6.375  -2.413  1.00 50.96 ? 43  LYS A C   1 
ATOM   364 O O   . LYS A 1 43 ? -13.740 -6.183  -2.261  1.00 49.74 ? 43  LYS A O   1 
ATOM   365 C CB  . LYS A 1 43 ? -16.431 -4.459  -3.163  1.00 50.79 ? 43  LYS A CB  1 
ATOM   366 C CG  . LYS A 1 43 ? -15.349 -3.850  -4.014  1.00 54.13 ? 43  LYS A CG  1 
ATOM   367 C CD  . LYS A 1 43 ? -15.972 -2.959  -5.090  1.00 55.74 ? 43  LYS A CD  1 
ATOM   368 C CE  . LYS A 1 43 ? -14.967 -2.614  -6.180  1.00 59.28 ? 43  LYS A CE  1 
ATOM   369 N NZ  . LYS A 1 43 ? -15.524 -1.691  -7.223  1.00 60.01 ? 43  LYS A NZ  1 
ATOM   370 N N   . PRO A 1 44 ? -15.418 -7.513  -2.945  1.00 51.85 ? 44  PRO A N   1 
ATOM   371 C CA  . PRO A 1 44 ? -14.511 -8.581  -3.373  1.00 51.41 ? 44  PRO A CA  1 
ATOM   372 C C   . PRO A 1 44 ? -13.688 -8.232  -4.581  1.00 51.17 ? 44  PRO A C   1 
ATOM   373 O O   . PRO A 1 44 ? -14.147 -7.531  -5.468  1.00 52.72 ? 44  PRO A O   1 
ATOM   374 C CB  . PRO A 1 44 ? -15.456 -9.743  -3.641  1.00 51.79 ? 44  PRO A CB  1 
ATOM   375 C CG  . PRO A 1 44 ? -16.650 -9.030  -4.224  1.00 53.61 ? 44  PRO A CG  1 
ATOM   376 C CD  . PRO A 1 44 ? -16.816 -7.855  -3.260  1.00 51.21 ? 44  PRO A CD  1 
ATOM   377 N N   . LYS A 1 45 ? -12.461 -8.729  -4.603  1.00 51.65 ? 45  LYS A N   1 
ATOM   378 C CA  . LYS A 1 45 ? -11.565 -8.489  -5.714  1.00 51.54 ? 45  LYS A CA  1 
ATOM   379 C C   . LYS A 1 45 ? -10.657 -9.702  -5.852  1.00 51.36 ? 45  LYS A C   1 
ATOM   380 O O   . LYS A 1 45 ? -10.269 -10.305 -4.850  1.00 51.22 ? 45  LYS A O   1 
ATOM   381 C CB  . LYS A 1 45 ? -10.733 -7.226  -5.475  1.00 52.52 ? 45  LYS A CB  1 
ATOM   382 C CG  . LYS A 1 45 ? -10.122 -6.675  -6.749  1.00 53.51 ? 45  LYS A CG  1 
ATOM   383 C CD  . LYS A 1 45 ? -9.197  -5.500  -6.474  1.00 55.81 ? 45  LYS A CD  1 
ATOM   384 C CE  . LYS A 1 45 ? -9.019  -4.635  -7.718  1.00 55.61 ? 45  LYS A CE  1 
ATOM   385 N NZ  . LYS A 1 45 ? -8.610  -5.438  -8.908  1.00 58.17 ? 45  LYS A NZ  1 
ATOM   386 N N   . ILE A 1 46 ? -10.341 -10.058 -7.096  1.00 50.51 ? 46  ILE A N   1 
ATOM   387 C CA  . ILE A 1 46 ? -9.486  -11.190 -7.381  1.00 49.26 ? 46  ILE A CA  1 
ATOM   388 C C   . ILE A 1 46 ? -8.211  -10.755 -8.087  1.00 50.62 ? 46  ILE A C   1 
ATOM   389 O O   . ILE A 1 46 ? -8.258  -10.306 -9.227  1.00 52.69 ? 46  ILE A O   1 
ATOM   390 C CB  . ILE A 1 46 ? -10.160 -12.189 -8.308  1.00 48.35 ? 46  ILE A CB  1 
ATOM   391 C CG1 . ILE A 1 46 ? -11.422 -12.762 -7.657  1.00 47.39 ? 46  ILE A CG1 1 
ATOM   392 C CG2 . ILE A 1 46 ? -9.172  -13.289 -8.662  1.00 47.71 ? 46  ILE A CG2 1 
ATOM   393 C CD1 . ILE A 1 46 ? -12.128 -13.821 -8.529  1.00 45.29 ? 46  ILE A CD1 1 
ATOM   394 N N   . ILE A 1 47 ? -7.076  -10.910 -7.414  1.00 49.14 ? 47  ILE A N   1 
ATOM   395 C CA  . ILE A 1 47 ? -5.778  -10.565 -7.974  1.00 47.09 ? 47  ILE A CA  1 
ATOM   396 C C   . ILE A 1 47 ? -4.840  -11.758 -7.806  1.00 47.38 ? 47  ILE A C   1 
ATOM   397 O O   . ILE A 1 47 ? -4.100  -12.109 -8.721  1.00 49.77 ? 47  ILE A O   1 
ATOM   398 C CB  . ILE A 1 47 ? -5.166  -9.365  -7.248  1.00 46.02 ? 47  ILE A CB  1 
ATOM   399 C CG1 . ILE A 1 47 ? -4.659  -9.784  -5.868  1.00 43.23 ? 47  ILE A CG1 1 
ATOM   400 C CG2 . ILE A 1 47 ? -6.222  -8.272  -7.089  1.00 47.88 ? 47  ILE A CG2 1 
ATOM   401 C CD1 . ILE A 1 47 ? -4.042  -8.657  -5.068  1.00 41.18 ? 47  ILE A CD1 1 
ATOM   402 N N   . ILE A 1 50 ? 3.829   -13.835 -7.470  1.00 70.86 ? 50  ILE A N   1 
ATOM   403 C CA  . ILE A 1 50 ? 3.185   -14.113 -6.160  1.00 72.62 ? 50  ILE A CA  1 
ATOM   404 C C   . ILE A 1 50 ? 2.152   -15.249 -6.233  1.00 72.54 ? 50  ILE A C   1 
ATOM   405 O O   . ILE A 1 50 ? 0.940   -15.055 -5.769  1.00 72.26 ? 50  ILE A O   1 
ATOM   406 N N   . GLY A 1 51 ? 2.573   -16.411 -6.773  1.00 72.76 ? 51  GLY A N   1 
ATOM   407 C CA  . GLY A 1 51 ? 1.691   -17.562 -6.919  1.00 70.86 ? 51  GLY A CA  1 
ATOM   408 C C   . GLY A 1 51 ? 0.584   -17.217 -7.905  1.00 71.11 ? 51  GLY A C   1 
ATOM   409 O O   . GLY A 1 51 ? 0.745   -16.312 -8.736  1.00 72.97 ? 51  GLY A O   1 
ATOM   410 N N   . GLY A 1 52 ? -0.544  -17.921 -7.817  1.00 69.25 ? 52  GLY A N   1 
ATOM   411 C CA  . GLY A 1 52 ? -1.661  -17.648 -8.711  1.00 64.13 ? 52  GLY A CA  1 
ATOM   412 C C   . GLY A 1 52 ? -2.632  -16.604 -8.171  1.00 60.46 ? 52  GLY A C   1 
ATOM   413 O O   . GLY A 1 52 ? -2.238  -15.685 -7.440  1.00 58.80 ? 52  GLY A O   1 
ATOM   414 N N   . LEU A 1 53 ? -3.908  -16.746 -8.533  1.00 56.88 ? 53  LEU A N   1 
ATOM   415 C CA  . LEU A 1 53 ? -4.935  -15.811 -8.093  1.00 53.88 ? 53  LEU A CA  1 
ATOM   416 C C   . LEU A 1 53 ? -5.275  -15.924 -6.602  1.00 51.46 ? 53  LEU A C   1 
ATOM   417 O O   . LEU A 1 53 ? -5.268  -17.019 -6.015  1.00 50.18 ? 53  LEU A O   1 
ATOM   418 C CB  . LEU A 1 53 ? -6.228  -15.999 -8.910  1.00 54.11 ? 53  LEU A CB  1 
ATOM   419 C CG  . LEU A 1 53 ? -6.155  -15.762 -10.426 1.00 55.47 ? 53  LEU A CG  1 
ATOM   420 C CD1 . LEU A 1 53 ? -7.518  -16.005 -11.068 1.00 55.57 ? 53  LEU A CD1 1 
ATOM   421 C CD2 . LEU A 1 53 ? -5.692  -14.344 -10.689 1.00 54.38 ? 53  LEU A CD2 1 
ATOM   422 N N   . ILE A 1 54 ? -5.573  -14.783 -5.994  1.00 47.51 ? 54  ILE A N   1 
ATOM   423 C CA  . ILE A 1 54 ? -5.963  -14.769 -4.607  1.00 44.97 ? 54  ILE A CA  1 
ATOM   424 C C   . ILE A 1 54 ? -7.116  -13.802 -4.478  1.00 44.93 ? 54  ILE A C   1 
ATOM   425 O O   . ILE A 1 54 ? -7.229  -12.863 -5.272  1.00 44.38 ? 54  ILE A O   1 
ATOM   426 C CB  . ILE A 1 54 ? -4.810  -14.343 -3.685  1.00 44.35 ? 54  ILE A CB  1 
ATOM   427 C CG1 . ILE A 1 54 ? -4.244  -12.996 -4.091  1.00 43.80 ? 54  ILE A CG1 1 
ATOM   428 C CG2 . ILE A 1 54 ? -3.704  -15.370 -3.763  1.00 45.92 ? 54  ILE A CG2 1 
ATOM   429 C CD1 . ILE A 1 54 ? -3.303  -12.412 -3.035  1.00 43.55 ? 54  ILE A CD1 1 
ATOM   430 N N   . LYS A 1 55 ? -7.993  -14.057 -3.507  1.00 41.89 ? 55  LYS A N   1 
ATOM   431 C CA  . LYS A 1 55 ? -9.129  -13.197 -3.260  1.00 39.33 ? 55  LYS A CA  1 
ATOM   432 C C   . LYS A 1 55 ? -8.704  -12.202 -2.191  1.00 38.90 ? 55  LYS A C   1 
ATOM   433 O O   . LYS A 1 55 ? -7.963  -12.544 -1.266  1.00 38.60 ? 55  LYS A O   1 
ATOM   434 C CB  . LYS A 1 55 ? -10.321 -14.004 -2.763  1.00 38.68 ? 55  LYS A CB  1 
ATOM   435 C CG  . LYS A 1 55 ? -10.903 -14.950 -3.786  1.00 41.75 ? 55  LYS A CG  1 
ATOM   436 C CD  . LYS A 1 55 ? -12.264 -15.468 -3.316  1.00 43.70 ? 55  LYS A CD  1 
ATOM   437 C CE  . LYS A 1 55 ? -12.930 -16.284 -4.403  1.00 44.62 ? 55  LYS A CE  1 
ATOM   438 N NZ  . LYS A 1 55 ? -13.018 -15.504 -5.657  1.00 46.33 ? 55  LYS A NZ  1 
ATOM   439 N N   . VAL A 1 56 ? -9.163  -10.967 -2.315  1.00 36.62 ? 56  VAL A N   1 
ATOM   440 C CA  . VAL A 1 56 ? -8.817  -9.956  -1.342  1.00 36.89 ? 56  VAL A CA  1 
ATOM   441 C C   . VAL A 1 56 ? -10.031 -9.058  -1.121  1.00 37.75 ? 56  VAL A C   1 
ATOM   442 O O   . VAL A 1 56 ? -11.071 -9.231  -1.760  1.00 35.82 ? 56  VAL A O   1 
ATOM   443 C CB  . VAL A 1 56 ? -7.615  -9.099  -1.830  1.00 36.44 ? 56  VAL A CB  1 
ATOM   444 C CG1 . VAL A 1 56 ? -6.403  -9.983  -2.072  1.00 33.64 ? 56  VAL A CG1 1 
ATOM   445 C CG2 . VAL A 1 56 ? -7.980  -8.372  -3.125  1.00 37.22 ? 56  VAL A CG2 1 
ATOM   446 N N   . ARG A 1 57 ? -9.886  -8.115  -0.203  1.00 38.14 ? 57  ARG A N   1 
ATOM   447 C CA  . ARG A 1 57 ? -10.952 -7.190  0.106   1.00 39.68 ? 57  ARG A CA  1 
ATOM   448 C C   . ARG A 1 57 ? -10.503 -5.778  -0.297  1.00 41.02 ? 57  ARG A C   1 
ATOM   449 O O   . ARG A 1 57 ? -9.461  -5.279  0.160   1.00 40.62 ? 57  ARG A O   1 
ATOM   450 C CB  . ARG A 1 57 ? -11.283 -7.228  1.608   1.00 38.86 ? 57  ARG A CB  1 
ATOM   451 C CG  . ARG A 1 57 ? -11.589 -8.624  2.156   1.00 41.37 ? 57  ARG A CG  1 
ATOM   452 C CD  . ARG A 1 57 ? -12.294 -8.601  3.519   1.00 38.57 ? 57  ARG A CD  1 
ATOM   453 N NE  . ARG A 1 57 ? -11.611 -7.825  4.551   1.00 39.06 ? 57  ARG A NE  1 
ATOM   454 C CZ  . ARG A 1 57 ? -10.442 -8.146  5.089   1.00 40.79 ? 57  ARG A CZ  1 
ATOM   455 N NH1 . ARG A 1 57 ? -9.806  -9.233  4.690   1.00 42.84 ? 57  ARG A NH1 1 
ATOM   456 N NH2 . ARG A 1 57 ? -9.911  -7.394  6.048   1.00 40.24 ? 57  ARG A NH2 1 
ATOM   457 N N   . GLN A 1 58 ? -11.291 -5.149  -1.161  1.00 41.93 ? 58  GLN A N   1 
ATOM   458 C CA  . GLN A 1 58 ? -11.012 -3.795  -1.629  1.00 41.80 ? 58  GLN A CA  1 
ATOM   459 C C   . GLN A 1 58 ? -11.709 -2.722  -0.785  1.00 41.68 ? 58  GLN A C   1 
ATOM   460 O O   . GLN A 1 58 ? -12.924 -2.643  -0.775  1.00 42.65 ? 58  GLN A O   1 
ATOM   461 C CB  . GLN A 1 58 ? -11.449 -3.660  -3.088  1.00 41.11 ? 58  GLN A CB  1 
ATOM   462 C CG  . GLN A 1 58 ? -11.360 -2.247  -3.640  1.00 43.42 ? 58  GLN A CG  1 
ATOM   463 C CD  . GLN A 1 58 ? -11.715 -2.163  -5.121  1.00 46.29 ? 58  GLN A CD  1 
ATOM   464 O OE1 . GLN A 1 58 ? -12.040 -1.094  -5.620  1.00 51.05 ? 58  GLN A OE1 1 
ATOM   465 N NE2 . GLN A 1 58 ? -11.646 -3.286  -5.826  1.00 47.56 ? 58  GLN A NE2 1 
ATOM   466 N N   . TYR A 1 59 ? -10.943 -1.923  -0.050  1.00 42.58 ? 59  TYR A N   1 
ATOM   467 C CA  . TYR A 1 59 ? -11.518 -0.831  0.729   1.00 44.69 ? 59  TYR A CA  1 
ATOM   468 C C   . TYR A 1 59 ? -11.159 0.467   0.001   1.00 47.25 ? 59  TYR A C   1 
ATOM   469 O O   . TYR A 1 59 ? -10.020 0.660   -0.428  1.00 49.52 ? 59  TYR A O   1 
ATOM   470 C CB  . TYR A 1 59 ? -10.941 -0.761  2.134   1.00 44.92 ? 59  TYR A CB  1 
ATOM   471 C CG  . TYR A 1 59 ? -11.286 -1.930  3.012   1.00 46.93 ? 59  TYR A CG  1 
ATOM   472 C CD1 . TYR A 1 59 ? -10.643 -3.163  2.855   1.00 46.59 ? 59  TYR A CD1 1 
ATOM   473 C CD2 . TYR A 1 59 ? -12.211 -1.798  4.041   1.00 46.17 ? 59  TYR A CD2 1 
ATOM   474 C CE1 . TYR A 1 59 ? -10.909 -4.234  3.713   1.00 47.61 ? 59  TYR A CE1 1 
ATOM   475 C CE2 . TYR A 1 59 ? -12.485 -2.864  4.905   1.00 46.80 ? 59  TYR A CE2 1 
ATOM   476 C CZ  . TYR A 1 59 ? -11.830 -4.070  4.735   1.00 47.80 ? 59  TYR A CZ  1 
ATOM   477 O OH  . TYR A 1 59 ? -12.074 -5.101  5.596   1.00 48.90 ? 59  TYR A OH  1 
ATOM   478 N N   . ASP A 1 60 ? -12.127 1.359   -0.143  1.00 47.82 ? 60  ASP A N   1 
ATOM   479 C CA  . ASP A 1 60 ? -11.894 2.612   -0.829  1.00 47.60 ? 60  ASP A CA  1 
ATOM   480 C C   . ASP A 1 60 ? -11.796 3.770   0.141   1.00 47.33 ? 60  ASP A C   1 
ATOM   481 O O   . ASP A 1 60 ? -12.278 3.700   1.271   1.00 46.15 ? 60  ASP A O   1 
ATOM   482 C CB  . ASP A 1 60 ? -13.011 2.888   -1.829  1.00 47.72 ? 60  ASP A CB  1 
ATOM   483 C CG  . ASP A 1 60 ? -13.062 1.862   -2.932  1.00 51.70 ? 60  ASP A CG  1 
ATOM   484 O OD1 . ASP A 1 60 ? -11.987 1.550   -3.488  1.00 53.29 ? 60  ASP A OD1 1 
ATOM   485 O OD2 . ASP A 1 60 ? -14.170 1.370   -3.260  1.00 53.90 ? 60  ASP A OD2 1 
ATOM   486 N N   A GLN A 1 61 ? -11.154 4.833   -0.332  0.50 47.54 ? 61  GLN A N   1 
ATOM   487 N N   B GLN A 1 61 ? -11.161 4.847   -0.307  0.50 47.41 ? 61  GLN A N   1 
ATOM   488 C CA  A GLN A 1 61 ? -10.947 6.049   0.432   0.50 47.28 ? 61  GLN A CA  1 
ATOM   489 C CA  B GLN A 1 61 ? -11.003 6.053   0.495   0.50 47.09 ? 61  GLN A CA  1 
ATOM   490 C C   A GLN A 1 61 ? -10.507 5.799   1.869   0.50 47.36 ? 61  GLN A C   1 
ATOM   491 C C   B GLN A 1 61 ? -10.511 5.789   1.905   0.50 47.25 ? 61  GLN A C   1 
ATOM   492 O O   A GLN A 1 61 ? -11.081 6.354   2.801   0.50 48.10 ? 61  GLN A O   1 
ATOM   493 O O   B GLN A 1 61 ? -11.054 6.335   2.861   0.50 48.09 ? 61  GLN A O   1 
ATOM   494 C CB  A GLN A 1 61 ? -12.215 6.923   0.389   0.50 47.29 ? 61  GLN A CB  1 
ATOM   495 C CB  B GLN A 1 61 ? -12.331 6.808   0.576   0.50 46.71 ? 61  GLN A CB  1 
ATOM   496 C CG  A GLN A 1 61 ? -12.418 7.679   -0.941  0.50 46.18 ? 61  GLN A CG  1 
ATOM   497 C CG  B GLN A 1 61 ? -12.991 7.052   -0.763  0.50 45.55 ? 61  GLN A CG  1 
ATOM   498 C CD  A GLN A 1 61 ? -12.908 6.796   -2.084  0.50 46.63 ? 61  GLN A CD  1 
ATOM   499 C CD  B GLN A 1 61 ? -14.292 7.792   -0.612  0.50 45.23 ? 61  GLN A CD  1 
ATOM   500 O OE1 A GLN A 1 61 ? -12.446 6.912   -3.228  0.50 46.58 ? 61  GLN A OE1 1 
ATOM   501 O OE1 B GLN A 1 61 ? -14.304 8.942   -0.188  0.50 45.41 ? 61  GLN A OE1 1 
ATOM   502 N NE2 A GLN A 1 61 ? -13.860 5.922   -1.784  0.50 46.77 ? 61  GLN A NE2 1 
ATOM   503 N NE2 B GLN A 1 61 ? -15.396 7.138   -0.945  0.50 44.49 ? 61  GLN A NE2 1 
ATOM   504 N N   . ILE A 1 62 ? -9.482  4.966   2.040   1.00 46.80 ? 62  ILE A N   1 
ATOM   505 C CA  . ILE A 1 62 ? -8.946  4.669   3.358   1.00 47.22 ? 62  ILE A CA  1 
ATOM   506 C C   . ILE A 1 62 ? -7.821  5.656   3.623   1.00 49.29 ? 62  ILE A C   1 
ATOM   507 O O   . ILE A 1 62 ? -6.988  5.885   2.762   1.00 48.95 ? 62  ILE A O   1 
ATOM   508 C CB  . ILE A 1 62 ? -8.354  3.230   3.449   1.00 44.85 ? 62  ILE A CB  1 
ATOM   509 C CG1 . ILE A 1 62 ? -9.469  2.196   3.298   1.00 45.24 ? 62  ILE A CG1 1 
ATOM   510 C CG2 . ILE A 1 62 ? -7.612  3.061   4.768   1.00 41.74 ? 62  ILE A CG2 1 
ATOM   511 C CD1 . ILE A 1 62 ? -10.604 2.372   4.306   1.00 42.03 ? 62  ILE A CD1 1 
ATOM   512 N N   . PRO A 1 63 ? -7.792  6.261   4.816   1.00 51.01 ? 63  PRO A N   1 
ATOM   513 C CA  . PRO A 1 63 ? -6.739  7.215   5.145   1.00 52.23 ? 63  PRO A CA  1 
ATOM   514 C C   . PRO A 1 63 ? -5.480  6.418   5.435   1.00 54.32 ? 63  PRO A C   1 
ATOM   515 O O   . PRO A 1 63 ? -5.550  5.363   6.065   1.00 55.67 ? 63  PRO A O   1 
ATOM   516 C CB  . PRO A 1 63 ? -7.265  7.895   6.409   1.00 52.90 ? 63  PRO A CB  1 
ATOM   517 C CG  . PRO A 1 63 ? -8.740  7.617   6.399   1.00 52.06 ? 63  PRO A CG  1 
ATOM   518 C CD  . PRO A 1 63 ? -8.797  6.222   5.888   1.00 52.55 ? 63  PRO A CD  1 
ATOM   519 N N   . ILE A 1 64 ? -4.337  6.925   4.980   1.00 55.71 ? 64  ILE A N   1 
ATOM   520 C CA  . ILE A 1 64 ? -3.050  6.275   5.190   1.00 56.99 ? 64  ILE A CA  1 
ATOM   521 C C   . ILE A 1 64 ? -1.992  7.346   5.376   1.00 58.94 ? 64  ILE A C   1 
ATOM   522 O O   . ILE A 1 64 ? -2.225  8.509   5.057   1.00 59.38 ? 64  ILE A O   1 
ATOM   523 C CB  . ILE A 1 64 ? -2.675  5.397   3.991   1.00 56.79 ? 64  ILE A CB  1 
ATOM   524 C CG1 . ILE A 1 64 ? -2.690  6.218   2.697   1.00 57.02 ? 64  ILE A CG1 1 
ATOM   525 C CG2 . ILE A 1 64 ? -3.693  4.286   3.834   1.00 57.84 ? 64  ILE A CG2 1 
ATOM   526 C CD1 . ILE A 1 64 ? -1.560  7.221   2.544   1.00 57.10 ? 64  ILE A CD1 1 
ATOM   527 N N   . GLU A 1 65 ? -0.830  6.956   5.886   1.00 61.09 ? 65  GLU A N   1 
ATOM   528 C CA  . GLU A 1 65 ? 0.259   7.897   6.107   1.00 63.14 ? 65  GLU A CA  1 
ATOM   529 C C   . GLU A 1 65 ? 1.603   7.233   5.851   1.00 63.57 ? 65  GLU A C   1 
ATOM   530 O O   . GLU A 1 65 ? 1.962   6.273   6.532   1.00 64.31 ? 65  GLU A O   1 
ATOM   531 C CB  . GLU A 1 65 ? 0.200   8.415   7.532   1.00 65.04 ? 65  GLU A CB  1 
ATOM   532 C CG  . GLU A 1 65 ? 0.075   9.909   7.597   1.00 69.40 ? 65  GLU A CG  1 
ATOM   533 C CD  . GLU A 1 65 ? -0.252  10.397  8.982   1.00 71.55 ? 65  GLU A CD  1 
ATOM   534 O OE1 . GLU A 1 65 ? -1.312  9.985   9.519   1.00 72.78 ? 65  GLU A OE1 1 
ATOM   535 O OE2 . GLU A 1 65 ? 0.554   11.191  9.525   1.00 72.94 ? 65  GLU A OE2 1 
ATOM   536 N N   . ILE A 1 66 ? 2.342   7.758   4.874   1.00 63.91 ? 66  ILE A N   1 
ATOM   537 C CA  . ILE A 1 66 ? 3.648   7.220   4.467   1.00 63.80 ? 66  ILE A CA  1 
ATOM   538 C C   . ILE A 1 66 ? 4.748   8.252   4.700   1.00 65.99 ? 66  ILE A C   1 
ATOM   539 O O   . ILE A 1 66 ? 4.879   9.185   3.911   1.00 68.18 ? 66  ILE A O   1 
ATOM   540 C CB  . ILE A 1 66 ? 3.590   6.869   2.988   1.00 61.66 ? 66  ILE A CB  1 
ATOM   541 C CG1 . ILE A 1 66 ? 2.499   5.825   2.771   1.00 60.57 ? 66  ILE A CG1 1 
ATOM   542 C CG2 . ILE A 1 66 ? 4.916   6.378   2.513   1.00 62.81 ? 66  ILE A CG2 1 
ATOM   543 C CD1 . ILE A 1 66 ? 2.120   5.613   1.352   1.00 60.44 ? 66  ILE A CD1 1 
ATOM   544 N N   . CYS A 1 67 ? 5.531   8.091   5.774   1.00 67.59 ? 67  CYS A N   1 
ATOM   545 C CA  . CYS A 1 67 ? 6.607   9.040   6.137   1.00 67.88 ? 67  CYS A CA  1 
ATOM   546 C C   . CYS A 1 67 ? 5.967   10.424  6.229   1.00 68.24 ? 67  CYS A C   1 
ATOM   547 O O   . CYS A 1 67 ? 6.341   11.346  5.494   1.00 69.30 ? 67  CYS A O   1 
ATOM   548 C CB  . CYS A 1 67 ? 7.715   9.074   5.068   1.00 67.69 ? 67  CYS A CB  1 
ATOM   549 S SG  . CYS A 1 67 ? 8.387   7.460   4.541   1.00 70.93 ? 67  CYS A SG  1 
ATOM   550 N N   . GLY A 1 68 ? 5.019   10.579  7.148   1.00 68.30 ? 68  GLY A N   1 
ATOM   551 C CA  . GLY A 1 68 ? 4.305   11.840  7.235   1.00 67.97 ? 68  GLY A CA  1 
ATOM   552 C C   . GLY A 1 68 ? 3.439   11.745  5.989   1.00 67.87 ? 68  GLY A C   1 
ATOM   553 O O   . GLY A 1 68 ? 3.116   10.637  5.561   1.00 69.30 ? 68  GLY A O   1 
ATOM   554 N N   . HIS A 1 69 ? 3.059   12.860  5.381   1.00 66.71 ? 69  HIS A N   1 
ATOM   555 C CA  . HIS A 1 69 ? 2.256   12.777  4.164   1.00 63.50 ? 69  HIS A CA  1 
ATOM   556 C C   . HIS A 1 69 ? 0.988   11.925  4.334   1.00 61.08 ? 69  HIS A C   1 
ATOM   557 O O   . HIS A 1 69 ? 1.015   10.699  4.217   1.00 59.67 ? 69  HIS A O   1 
ATOM   558 C CB  . HIS A 1 69 ? 3.123   12.218  3.025   1.00 63.34 ? 69  HIS A CB  1 
ATOM   559 C CG  . HIS A 1 69 ? 4.298   13.084  2.679   1.00 62.11 ? 69  HIS A CG  1 
ATOM   560 N ND1 . HIS A 1 69 ? 4.200   14.176  1.843   1.00 61.21 ? 69  HIS A ND1 1 
ATOM   561 C CD2 . HIS A 1 69 ? 5.585   13.049  3.103   1.00 61.28 ? 69  HIS A CD2 1 
ATOM   562 C CE1 . HIS A 1 69 ? 5.375   14.777  1.769   1.00 60.85 ? 69  HIS A CE1 1 
ATOM   563 N NE2 . HIS A 1 69 ? 6.233   14.114  2.525   1.00 59.85 ? 69  HIS A NE2 1 
ATOM   564 N N   . LYS A 1 70 ? -0.114  12.609  4.623   1.00 59.15 ? 70  LYS A N   1 
ATOM   565 C CA  . LYS A 1 70 ? -1.417  11.998  4.796   1.00 56.85 ? 70  LYS A CA  1 
ATOM   566 C C   . LYS A 1 70 ? -2.095  11.927  3.439   1.00 55.63 ? 70  LYS A C   1 
ATOM   567 O O   . LYS A 1 70 ? -2.181  12.927  2.735   1.00 55.91 ? 70  LYS A O   1 
ATOM   568 C CB  . LYS A 1 70 ? -2.275  12.843  5.736   1.00 57.33 ? 70  LYS A CB  1 
ATOM   569 C CG  . LYS A 1 70 ? -1.831  12.833  7.194   1.00 59.16 ? 70  LYS A CG  1 
ATOM   570 C CD  . LYS A 1 70 ? -2.712  13.751  8.031   1.00 60.68 ? 70  LYS A CD  1 
ATOM   571 C CE  . LYS A 1 70 ? -2.484  13.543  9.527   1.00 61.65 ? 70  LYS A CE  1 
ATOM   572 N NZ  . LYS A 1 70 ? -2.997  12.211  9.991   1.00 61.98 ? 70  LYS A NZ  1 
ATOM   573 N N   . ALA A 1 71 ? -2.574  10.747  3.069   1.00 53.96 ? 71  ALA A N   1 
ATOM   574 C CA  . ALA A 1 71 ? -3.256  10.581  1.795   1.00 52.64 ? 71  ALA A CA  1 
ATOM   575 C C   . ALA A 1 71 ? -4.433  9.623   1.979   1.00 52.56 ? 71  ALA A C   1 
ATOM   576 O O   . ALA A 1 71 ? -4.569  9.006   3.039   1.00 53.04 ? 71  ALA A O   1 
ATOM   577 C CB  . ALA A 1 71 ? -2.296  10.029  0.777   1.00 52.62 ? 71  ALA A CB  1 
ATOM   578 N N   . ILE A 1 72 ? -5.301  9.513   0.975   1.00 50.00 ? 72  ILE A N   1 
ATOM   579 C CA  . ILE A 1 72 ? -6.406  8.575   1.072   1.00 47.62 ? 72  ILE A CA  1 
ATOM   580 C C   . ILE A 1 72 ? -6.469  7.837   -0.257  1.00 45.96 ? 72  ILE A C   1 
ATOM   581 O O   . ILE A 1 72 ? -6.050  8.358   -1.281  1.00 44.81 ? 72  ILE A O   1 
ATOM   582 C CB  . ILE A 1 72 ? -7.779  9.267   1.333   1.00 49.00 ? 72  ILE A CB  1 
ATOM   583 C CG1 . ILE A 1 72 ? -8.337  9.837   0.038   1.00 47.42 ? 72  ILE A CG1 1 
ATOM   584 C CG2 . ILE A 1 72 ? -7.639  10.362  2.391   1.00 50.75 ? 72  ILE A CG2 1 
ATOM   585 C CD1 . ILE A 1 72 ? -9.729  10.394  0.189   1.00 51.04 ? 72  ILE A CD1 1 
ATOM   586 N N   . GLY A 1 73 ? -6.982  6.618   -0.235  1.00 43.28 ? 73  GLY A N   1 
ATOM   587 C CA  . GLY A 1 73 ? -7.074  5.869   -1.468  1.00 42.43 ? 73  GLY A CA  1 
ATOM   588 C C   . GLY A 1 73 ? -7.506  4.438   -1.238  1.00 42.30 ? 73  GLY A C   1 
ATOM   589 O O   . GLY A 1 73 ? -7.810  4.030   -0.122  1.00 42.17 ? 73  GLY A O   1 
ATOM   590 N N   . THR A 1 74 ? -7.516  3.671   -2.310  1.00 41.00 ? 74  THR A N   1 
ATOM   591 C CA  . THR A 1 74 ? -7.920  2.291   -2.255  1.00 42.52 ? 74  THR A CA  1 
ATOM   592 C C   . THR A 1 74 ? -6.789  1.402   -1.755  1.00 43.90 ? 74  THR A C   1 
ATOM   593 O O   . THR A 1 74 ? -5.628  1.539   -2.159  1.00 44.17 ? 74  THR A O   1 
ATOM   594 C CB  . THR A 1 74 ? -8.384  1.845   -3.654  1.00 42.39 ? 74  THR A CB  1 
ATOM   595 O OG1 . THR A 1 74 ? -9.605  2.519   -3.957  1.00 42.95 ? 74  THR A OG1 1 
ATOM   596 C CG2 . THR A 1 74 ? -8.586  0.338   -3.731  1.00 41.37 ? 74  THR A CG2 1 
ATOM   597 N N   . VAL A 1 75 ? -7.153  0.488   -0.872  1.00 44.35 ? 75  VAL A N   1 
ATOM   598 C CA  . VAL A 1 75 ? -6.221  -0.462  -0.285  1.00 44.98 ? 75  VAL A CA  1 
ATOM   599 C C   . VAL A 1 75 ? -6.792  -1.870  -0.421  1.00 45.90 ? 75  VAL A C   1 
ATOM   600 O O   . VAL A 1 75 ? -7.930  -2.115  -0.028  1.00 48.79 ? 75  VAL A O   1 
ATOM   601 C CB  . VAL A 1 75 ? -6.028  -0.169  1.209   1.00 46.03 ? 75  VAL A CB  1 
ATOM   602 C CG1 . VAL A 1 75 ? -5.337  -1.329  1.896   1.00 48.71 ? 75  VAL A CG1 1 
ATOM   603 C CG2 . VAL A 1 75 ? -5.206  1.094   1.391   1.00 47.82 ? 75  VAL A CG2 1 
ATOM   604 N N   . LEU A 1 76 ? -6.034  -2.790  -0.997  1.00 43.99 ? 76  LEU A N   1 
ATOM   605 C CA  . LEU A 1 76 ? -6.505  -4.156  -1.093  1.00 42.46 ? 76  LEU A CA  1 
ATOM   606 C C   . LEU A 1 76 ? -5.882  -4.879  0.124   1.00 44.85 ? 76  LEU A C   1 
ATOM   607 O O   . LEU A 1 76 ? -4.675  -4.752  0.394   1.00 45.06 ? 76  LEU A O   1 
ATOM   608 C CB  . LEU A 1 76 ? -6.045  -4.796  -2.404  1.00 41.37 ? 76  LEU A CB  1 
ATOM   609 C CG  . LEU A 1 76 ? -6.429  -4.076  -3.712  1.00 42.02 ? 76  LEU A CG  1 
ATOM   610 C CD1 . LEU A 1 76 ? -5.849  -4.809  -4.943  1.00 40.39 ? 76  LEU A CD1 1 
ATOM   611 C CD2 . LEU A 1 76 ? -7.948  -3.986  -3.809  1.00 41.05 ? 76  LEU A CD2 1 
ATOM   612 N N   . ILE A 1 77 ? -6.716  -5.593  0.885   1.00 43.36 ? 77  ILE A N   1 
ATOM   613 C CA  . ILE A 1 77 ? -6.259  -6.332  2.059   1.00 40.02 ? 77  ILE A CA  1 
ATOM   614 C C   . ILE A 1 77 ? -6.444  -7.827  1.777   1.00 40.00 ? 77  ILE A C   1 
ATOM   615 O O   . ILE A 1 77 ? -7.520  -8.256  1.344   1.00 37.72 ? 77  ILE A O   1 
ATOM   616 C CB  . ILE A 1 77 ? -7.065  -5.967  3.288   1.00 39.19 ? 77  ILE A CB  1 
ATOM   617 C CG1 . ILE A 1 77 ? -6.946  -4.469  3.584   1.00 39.77 ? 77  ILE A CG1 1 
ATOM   618 C CG2 . ILE A 1 77 ? -6.577  -6.778  4.453   1.00 40.49 ? 77  ILE A CG2 1 
ATOM   619 C CD1 . ILE A 1 77 ? -5.550  -3.990  3.970   1.00 37.40 ? 77  ILE A CD1 1 
ATOM   620 N N   . GLY A 1 78 ? -5.386  -8.607  1.991   1.00 39.84 ? 78  GLY A N   1 
ATOM   621 C CA  . GLY A 1 78 ? -5.456  -10.038 1.731   1.00 40.26 ? 78  GLY A CA  1 
ATOM   622 C C   . GLY A 1 78 ? -4.172  -10.821 1.947   1.00 40.12 ? 78  GLY A C   1 
ATOM   623 O O   . GLY A 1 78 ? -3.172  -10.287 2.446   1.00 40.25 ? 78  GLY A O   1 
ATOM   624 N N   . PRO A 1 79 ? -4.166  -12.106 1.579   1.00 41.01 ? 79  PRO A N   1 
ATOM   625 C CA  . PRO A 1 79 ? -2.958  -12.924 1.763   1.00 41.18 ? 79  PRO A CA  1 
ATOM   626 C C   . PRO A 1 79 ? -1.868  -12.619 0.762   1.00 41.44 ? 79  PRO A C   1 
ATOM   627 O O   . PRO A 1 79 ? -1.403  -13.522 0.060   1.00 41.68 ? 79  PRO A O   1 
ATOM   628 C CB  . PRO A 1 79 ? -3.483  -14.343 1.615   1.00 39.83 ? 79  PRO A CB  1 
ATOM   629 C CG  . PRO A 1 79 ? -4.551  -14.178 0.574   1.00 39.39 ? 79  PRO A CG  1 
ATOM   630 C CD  . PRO A 1 79 ? -5.278  -12.923 1.060   1.00 40.01 ? 79  PRO A CD  1 
ATOM   631 N N   . THR A 1 80 ? -1.484  -11.343 0.677   1.00 41.90 ? 80  THR A N   1 
ATOM   632 C CA  . THR A 1 80 ? -0.415  -10.906 -0.228  1.00 42.66 ? 80  THR A CA  1 
ATOM   633 C C   . THR A 1 80 ? 0.921   -11.380 0.357   1.00 43.15 ? 80  THR A C   1 
ATOM   634 O O   . THR A 1 80 ? 1.130   -11.295 1.566   1.00 43.98 ? 80  THR A O   1 
ATOM   635 C CB  . THR A 1 80 ? -0.360  -9.358  -0.367  1.00 41.52 ? 80  THR A CB  1 
ATOM   636 O OG1 . THR A 1 80 ? 0.807   -8.986  -1.107  1.00 42.03 ? 80  THR A OG1 1 
ATOM   637 C CG2 . THR A 1 80 ? -0.266  -8.689  0.994   1.00 41.29 ? 80  THR A CG2 1 
ATOM   638 N N   . PRO A 1 81 ? 1.839   -11.883 -0.497  1.00 43.56 ? 81  PRO A N   1 
ATOM   639 C CA  . PRO A 1 81 ? 3.138   -12.356 -0.006  1.00 42.32 ? 81  PRO A CA  1 
ATOM   640 C C   . PRO A 1 81 ? 3.896   -11.213 0.627   1.00 42.64 ? 81  PRO A C   1 
ATOM   641 O O   . PRO A 1 81 ? 4.792   -11.434 1.423   1.00 44.21 ? 81  PRO A O   1 
ATOM   642 C CB  . PRO A 1 81 ? 3.841   -12.862 -1.271  1.00 42.42 ? 81  PRO A CB  1 
ATOM   643 C CG  . PRO A 1 81 ? 2.736   -13.123 -2.250  1.00 43.39 ? 81  PRO A CG  1 
ATOM   644 C CD  . PRO A 1 81 ? 1.761   -12.004 -1.968  1.00 42.97 ? 81  PRO A CD  1 
ATOM   645 N N   . ALA A 1 82 ? 3.543   -9.980  0.270   1.00 42.34 ? 82  ALA A N   1 
ATOM   646 C CA  . ALA A 1 82 ? 4.218   -8.811  0.838   1.00 42.70 ? 82  ALA A CA  1 
ATOM   647 C C   . ALA A 1 82 ? 3.407   -7.515  0.707   1.00 41.93 ? 82  ALA A C   1 
ATOM   648 O O   . ALA A 1 82 ? 2.629   -7.354  -0.234  1.00 41.13 ? 82  ALA A O   1 
ATOM   649 C CB  . ALA A 1 82 ? 5.588   -8.623  0.159   1.00 42.65 ? 82  ALA A CB  1 
ATOM   650 N N   . ASN A 1 83 ? 3.613   -6.607  1.654   1.00 40.64 ? 83  ASN A N   1 
ATOM   651 C CA  . ASN A 1 83 ? 2.954   -5.317  1.649   1.00 40.98 ? 83  ASN A CA  1 
ATOM   652 C C   . ASN A 1 83 ? 3.508   -4.482  0.506   1.00 40.32 ? 83  ASN A C   1 
ATOM   653 O O   . ASN A 1 83 ? 4.712   -4.283  0.403   1.00 40.61 ? 83  ASN A O   1 
ATOM   654 C CB  . ASN A 1 83 ? 3.215   -4.571  2.951   1.00 41.40 ? 83  ASN A CB  1 
ATOM   655 C CG  . ASN A 1 83 ? 2.588   -5.242  4.132   1.00 42.01 ? 83  ASN A CG  1 
ATOM   656 O OD1 . ASN A 1 83 ? 1.688   -6.085  3.973   1.00 41.98 ? 83  ASN A OD1 1 
ATOM   657 N ND2 . ASN A 1 83 ? 3.035   -4.867  5.337   1.00 39.58 ? 83  ASN A ND2 1 
ATOM   658 N N   . ILE A 1 84 ? 2.626   -3.959  -0.326  1.00 38.66 ? 84  ILE A N   1 
ATOM   659 C CA  . ILE A 1 84 ? 3.063   -3.177  -1.462  1.00 38.33 ? 84  ILE A CA  1 
ATOM   660 C C   . ILE A 1 84 ? 2.301   -1.868  -1.575  1.00 38.63 ? 84  ILE A C   1 
ATOM   661 O O   . ILE A 1 84 ? 1.069   -1.875  -1.531  1.00 38.69 ? 84  ILE A O   1 
ATOM   662 C CB  . ILE A 1 84 ? 2.877   -4.019  -2.730  1.00 37.72 ? 84  ILE A CB  1 
ATOM   663 C CG1 . ILE A 1 84 ? 3.780   -5.239  -2.630  1.00 38.50 ? 84  ILE A CG1 1 
ATOM   664 C CG2 . ILE A 1 84 ? 3.161   -3.211  -3.974  1.00 38.84 ? 84  ILE A CG2 1 
ATOM   665 C CD1 . ILE A 1 84 ? 3.682   -6.161  -3.792  1.00 40.50 ? 84  ILE A CD1 1 
ATOM   666 N N   . ILE A 1 85 ? 3.027   -0.747  -1.683  1.00 38.70 ? 85  ILE A N   1 
ATOM   667 C CA  . ILE A 1 85 ? 2.401   0.571   -1.865  1.00 37.21 ? 85  ILE A CA  1 
ATOM   668 C C   . ILE A 1 85 ? 2.485   0.793   -3.358  1.00 36.08 ? 85  ILE A C   1 
ATOM   669 O O   . ILE A 1 85 ? 3.586   0.911   -3.882  1.00 36.20 ? 85  ILE A O   1 
ATOM   670 C CB  . ILE A 1 85 ? 3.200   1.721   -1.243  1.00 38.42 ? 85  ILE A CB  1 
ATOM   671 C CG1 . ILE A 1 85 ? 3.444   1.484   0.237   1.00 38.58 ? 85  ILE A CG1 1 
ATOM   672 C CG2 . ILE A 1 85 ? 2.421   3.027   -1.406  1.00 37.79 ? 85  ILE A CG2 1 
ATOM   673 C CD1 . ILE A 1 85 ? 2.187   1.440   1.040   1.00 41.55 ? 85  ILE A CD1 1 
ATOM   674 N N   . GLY A 1 86 ? 1.350   0.841   -4.049  1.00 34.69 ? 86  GLY A N   1 
ATOM   675 C CA  . GLY A 1 86 ? 1.371   1.051   -5.495  1.00 31.07 ? 86  GLY A CA  1 
ATOM   676 C C   . GLY A 1 86 ? 1.224   2.512   -5.919  1.00 32.41 ? 86  GLY A C   1 
ATOM   677 O O   . GLY A 1 86 ? 1.153   3.430   -5.076  1.00 29.40 ? 86  GLY A O   1 
ATOM   678 N N   . ARG A 1 87 ? 1.175   2.736   -7.228  1.00 30.68 ? 87  ARG A N   1 
ATOM   679 C CA  . ARG A 1 87 ? 1.063   4.087   -7.759  1.00 32.91 ? 87  ARG A CA  1 
ATOM   680 C C   . ARG A 1 87 ? -0.194  4.815   -7.282  1.00 33.78 ? 87  ARG A C   1 
ATOM   681 O O   . ARG A 1 87 ? -0.133  6.010   -6.977  1.00 36.01 ? 87  ARG A O   1 
ATOM   682 C CB  . ARG A 1 87 ? 1.108   4.070   -9.300  1.00 31.90 ? 87  ARG A CB  1 
ATOM   683 C CG  . ARG A 1 87 ? 2.435   3.632   -9.873  1.00 31.06 ? 87  ARG A CG  1 
ATOM   684 C CD  . ARG A 1 87 ? 2.532   3.722   -11.389 1.00 31.54 ? 87  ARG A CD  1 
ATOM   685 N NE  . ARG A 1 87 ? 1.553   2.890   -12.088 1.00 33.56 ? 87  ARG A NE  1 
ATOM   686 C CZ  . ARG A 1 87 ? 0.344   3.305   -12.498 1.00 32.78 ? 87  ARG A CZ  1 
ATOM   687 N NH1 . ARG A 1 87 ? -0.070  4.564   -12.286 1.00 30.57 ? 87  ARG A NH1 1 
ATOM   688 N NH2 . ARG A 1 87 ? -0.461  2.459   -13.140 1.00 30.83 ? 87  ARG A NH2 1 
ATOM   689 N N   . ASN A 1 88 ? -1.313  4.094   -7.193  1.00 33.80 ? 88  ASN A N   1 
ATOM   690 C CA  . ASN A 1 88 ? -2.587  4.676   -6.780  1.00 33.37 ? 88  ASN A CA  1 
ATOM   691 C C   . ASN A 1 88 ? -2.414  5.492   -5.516  1.00 33.93 ? 88  ASN A C   1 
ATOM   692 O O   . ASN A 1 88 ? -3.141  6.454   -5.305  1.00 33.72 ? 88  ASN A O   1 
ATOM   693 C CB  . ASN A 1 88 ? -3.665  3.593   -6.574  1.00 35.03 ? 88  ASN A CB  1 
ATOM   694 C CG  . ASN A 1 88 ? -3.542  2.883   -5.230  1.00 35.93 ? 88  ASN A CG  1 
ATOM   695 O OD1 . ASN A 1 88 ? -4.380  3.063   -4.338  1.00 35.04 ? 88  ASN A OD1 1 
ATOM   696 N ND2 . ASN A 1 88 ? -2.480  2.082   -5.075  1.00 35.03 ? 88  ASN A ND2 1 
ATOM   697 N N   . LEU A 1 89 ? -1.452  5.127   -4.679  1.00 32.46 ? 89  LEU A N   1 
ATOM   698 C CA  . LEU A 1 89 ? -1.218  5.892   -3.463  1.00 33.68 ? 89  LEU A CA  1 
ATOM   699 C C   . LEU A 1 89 ? -0.006  6.783   -3.612  1.00 35.09 ? 89  LEU A C   1 
ATOM   700 O O   . LEU A 1 89 ? 0.047   7.843   -3.008  1.00 35.92 ? 89  LEU A O   1 
ATOM   701 C CB  . LEU A 1 89 ? -0.985  4.977   -2.273  1.00 34.25 ? 89  LEU A CB  1 
ATOM   702 C CG  . LEU A 1 89 ? -2.227  4.363   -1.644  1.00 36.15 ? 89  LEU A CG  1 
ATOM   703 C CD1 . LEU A 1 89 ? -1.794  3.389   -0.566  1.00 38.54 ? 89  LEU A CD1 1 
ATOM   704 C CD2 . LEU A 1 89 ? -3.094  5.437   -1.060  1.00 35.55 ? 89  LEU A CD2 1 
ATOM   705 N N   . LEU A 1 90 ? 0.975   6.346   -4.403  1.00 33.07 ? 90  LEU A N   1 
ATOM   706 C CA  . LEU A 1 90 ? 2.192   7.125   -4.607  1.00 33.55 ? 90  LEU A CA  1 
ATOM   707 C C   . LEU A 1 90 ? 1.868   8.480   -5.260  1.00 34.38 ? 90  LEU A C   1 
ATOM   708 O O   . LEU A 1 90 ? 2.498   9.482   -4.968  1.00 33.40 ? 90  LEU A O   1 
ATOM   709 C CB  . LEU A 1 90 ? 3.206   6.339   -5.451  1.00 32.73 ? 90  LEU A CB  1 
ATOM   710 C CG  . LEU A 1 90 ? 3.723   5.045   -4.790  1.00 34.43 ? 90  LEU A CG  1 
ATOM   711 C CD1 . LEU A 1 90 ? 4.631   4.299   -5.725  1.00 28.62 ? 90  LEU A CD1 1 
ATOM   712 C CD2 . LEU A 1 90 ? 4.423   5.386   -3.486  1.00 31.99 ? 90  LEU A CD2 1 
ATOM   713 N N   . THR A 1 91 ? 0.871   8.526   -6.125  1.00 33.59 ? 91  THR A N   1 
ATOM   714 C CA  . THR A 1 91 ? 0.550   9.800   -6.700  1.00 36.95 ? 91  THR A CA  1 
ATOM   715 C C   . THR A 1 91 ? -0.033  10.700  -5.609  1.00 37.23 ? 91  THR A C   1 
ATOM   716 O O   . THR A 1 91 ? 0.192   11.899  -5.600  1.00 36.87 ? 91  THR A O   1 
ATOM   717 C CB  . THR A 1 91 ? -0.468  9.674   -7.843  1.00 39.50 ? 91  THR A CB  1 
ATOM   718 O OG1 . THR A 1 91 ? -1.640  9.015   -7.361  1.00 43.93 ? 91  THR A OG1 1 
ATOM   719 C CG2 . THR A 1 91 ? 0.123   8.870   -9.005  1.00 40.90 ? 91  THR A CG2 1 
ATOM   720 N N   . GLN A 1 92 ? -0.743  10.110  -4.657  1.00 37.26 ? 92  GLN A N   1 
ATOM   721 C CA  . GLN A 1 92 ? -1.390  10.903  -3.614  1.00 37.22 ? 92  GLN A CA  1 
ATOM   722 C C   . GLN A 1 92 ? -0.489  11.586  -2.599  1.00 37.92 ? 92  GLN A C   1 
ATOM   723 O O   . GLN A 1 92 ? -0.940  12.490  -1.889  1.00 37.83 ? 92  GLN A O   1 
ATOM   724 C CB  . GLN A 1 92 ? -2.448  10.048  -2.898  1.00 35.25 ? 92  GLN A CB  1 
ATOM   725 C CG  . GLN A 1 92 ? -3.564  9.615   -3.822  1.00 33.46 ? 92  GLN A CG  1 
ATOM   726 C CD  . GLN A 1 92 ? -4.312  10.816  -4.363  1.00 36.58 ? 92  GLN A CD  1 
ATOM   727 O OE1 . GLN A 1 92 ? -4.352  11.069  -5.579  1.00 37.73 ? 92  GLN A OE1 1 
ATOM   728 N NE2 . GLN A 1 92 ? -4.889  11.581  -3.452  1.00 30.80 ? 92  GLN A NE2 1 
ATOM   729 N N   . ILE A 1 93 ? 0.772   11.154  -2.523  1.00 38.47 ? 93  ILE A N   1 
ATOM   730 C CA  . ILE A 1 93 ? 1.738   11.754  -1.583  1.00 38.57 ? 93  ILE A CA  1 
ATOM   731 C C   . ILE A 1 93 ? 2.786   12.527  -2.371  1.00 39.44 ? 93  ILE A C   1 
ATOM   732 O O   . ILE A 1 93 ? 3.758   13.045  -1.799  1.00 40.00 ? 93  ILE A O   1 
ATOM   733 C CB  . ILE A 1 93 ? 2.473   10.687  -0.699  1.00 36.87 ? 93  ILE A CB  1 
ATOM   734 C CG1 . ILE A 1 93 ? 3.190   9.677   -1.573  1.00 35.66 ? 93  ILE A CG1 1 
ATOM   735 C CG2 . ILE A 1 93 ? 1.493   9.971   0.183   1.00 36.78 ? 93  ILE A CG2 1 
ATOM   736 C CD1 . ILE A 1 93 ? 3.908   8.649   -0.789  1.00 36.57 ? 93  ILE A CD1 1 
ATOM   737 N N   . GLY A 1 94 ? 2.560   12.595  -3.689  1.00 38.92 ? 94  GLY A N   1 
ATOM   738 C CA  . GLY A 1 94 ? 3.450   13.298  -4.591  1.00 38.52 ? 94  GLY A CA  1 
ATOM   739 C C   . GLY A 1 94 ? 4.796   12.620  -4.752  1.00 39.21 ? 94  GLY A C   1 
ATOM   740 O O   . GLY A 1 94 ? 5.830   13.277  -4.798  1.00 38.39 ? 94  GLY A O   1 
ATOM   741 N N   . CYS A 1 95 ? 4.796   11.292  -4.825  1.00 38.52 ? 95  CYS A N   1 
ATOM   742 C CA  . CYS A 1 95 ? 6.039   10.586  -4.990  1.00 36.32 ? 95  CYS A CA  1 
ATOM   743 C C   . CYS A 1 95 ? 6.422   10.591  -6.480  1.00 37.30 ? 95  CYS A C   1 
ATOM   744 O O   . CYS A 1 95 ? 5.569   10.363  -7.369  1.00 36.17 ? 95  CYS A O   1 
ATOM   745 C CB  . CYS A 1 95 ? 5.901   9.157   -4.472  1.00 38.70 ? 95  CYS A CB  1 
ATOM   746 S SG  . CYS A 1 95 ? 7.439   8.218   -4.572  1.00 36.87 ? 95  CYS A SG  1 
ATOM   747 N N   . THR A 1 96 ? 7.690   10.901  -6.750  1.00 34.49 ? 96  THR A N   1 
ATOM   748 C CA  . THR A 1 96 ? 8.181   10.904  -8.112  1.00 34.80 ? 96  THR A CA  1 
ATOM   749 C C   . THR A 1 96 ? 9.532   10.178  -8.194  1.00 34.65 ? 96  THR A C   1 
ATOM   750 O O   . THR A 1 96 ? 10.204  9.951   -7.188  1.00 33.44 ? 96  THR A O   1 
ATOM   751 C CB  . THR A 1 96 ? 8.351   12.353  -8.682  1.00 36.22 ? 96  THR A CB  1 
ATOM   752 O OG1 . THR A 1 96 ? 9.275   13.103  -7.872  1.00 35.75 ? 96  THR A OG1 1 
ATOM   753 C CG2 . THR A 1 96 ? 7.013   13.076  -8.734  1.00 33.65 ? 96  THR A CG2 1 
ATOM   754 N N   . LEU A 1 97 ? 9.907   9.795   -9.408  1.00 35.21 ? 97  LEU A N   1 
ATOM   755 C CA  . LEU A 1 97 ? 11.180  9.148   -9.675  1.00 35.88 ? 97  LEU A CA  1 
ATOM   756 C C   . LEU A 1 97 ? 12.060  10.286  -10.223 1.00 38.04 ? 97  LEU A C   1 
ATOM   757 O O   . LEU A 1 97 ? 11.608  11.072  -11.076 1.00 37.95 ? 97  LEU A O   1 
ATOM   758 C CB  . LEU A 1 97 ? 10.994  8.075   -10.738 1.00 36.03 ? 97  LEU A CB  1 
ATOM   759 C CG  . LEU A 1 97 ? 10.326  6.790   -10.254 1.00 36.94 ? 97  LEU A CG  1 
ATOM   760 C CD1 . LEU A 1 97 ? 9.628   6.114   -11.405 1.00 36.75 ? 97  LEU A CD1 1 
ATOM   761 C CD2 . LEU A 1 97 ? 11.396  5.887   -9.621  1.00 32.96 ? 97  LEU A CD2 1 
ATOM   762 N N   . ASN A 1 98 ? 13.295  10.383  -9.744  1.00 37.82 ? 98  ASN A N   1 
ATOM   763 C CA  . ASN A 1 98 ? 14.193  11.447  -10.196 1.00 39.89 ? 98  ASN A CA  1 
ATOM   764 C C   . ASN A 1 98 ? 15.607  10.977  -10.452 1.00 41.14 ? 98  ASN A C   1 
ATOM   765 O O   . ASN A 1 98 ? 16.175  10.209  -9.672  1.00 41.39 ? 98  ASN A O   1 
ATOM   766 C CB  . ASN A 1 98 ? 14.248  12.591  -9.168  1.00 38.36 ? 98  ASN A CB  1 
ATOM   767 C CG  . ASN A 1 98 ? 12.882  13.221  -8.930  1.00 39.61 ? 98  ASN A CG  1 
ATOM   768 O OD1 . ASN A 1 98 ? 12.127  12.793  -8.055  1.00 40.84 ? 98  ASN A OD1 1 
ATOM   769 N ND2 . ASN A 1 98 ? 12.543  14.215  -9.740  1.00 40.43 ? 98  ASN A ND2 1 
ATOM   770 N N   . PHE A 1 99 ? 16.169  11.427  -11.562 1.00 42.14 ? 99  PHE A N   1 
ATOM   771 C CA  . PHE A 1 99 ? 17.553  11.095  -11.882 1.00 45.02 ? 99  PHE A CA  1 
ATOM   772 C C   . PHE A 1 99 ? 18.082  12.054  -12.949 1.00 45.86 ? 99  PHE A C   1 
ATOM   773 O O   . PHE A 1 99 ? 17.239  12.820  -13.501 1.00 45.90 ? 99  PHE A O   1 
ATOM   774 C CB  . PHE A 1 99 ? 17.695  9.621   -12.319 1.00 43.65 ? 99  PHE A CB  1 
ATOM   775 C CG  . PHE A 1 99 ? 16.912  9.259   -13.535 1.00 43.28 ? 99  PHE A CG  1 
ATOM   776 C CD1 . PHE A 1 99 ? 17.485  9.341   -14.795 1.00 45.11 ? 99  PHE A CD1 1 
ATOM   777 C CD2 . PHE A 1 99 ? 15.616  8.791   -13.423 1.00 44.72 ? 99  PHE A CD2 1 
ATOM   778 C CE1 . PHE A 1 99 ? 16.777  8.954   -15.930 1.00 45.64 ? 99  PHE A CE1 1 
ATOM   779 C CE2 . PHE A 1 99 ? 14.890  8.401   -14.559 1.00 43.79 ? 99  PHE A CE2 1 
ATOM   780 C CZ  . PHE A 1 99 ? 15.475  8.483   -15.807 1.00 44.37 ? 99  PHE A CZ  1 
ATOM   781 O OXT . PHE A 1 99 ? 19.323  12.040  -13.182 1.00 47.72 ? 99  PHE A OXT 1 
HETATM 782 O O   . HOH B 2 .  ? 19.463  5.049   -6.187  1.00 30.80 ? 100 HOH A O   1 
HETATM 783 O O   . HOH B 2 .  ? -6.812  4.955   -4.662  1.00 38.09 ? 101 HOH A O   1 
HETATM 784 O O   . HOH B 2 .  ? 15.763  1.975   -0.434  1.00 35.71 ? 102 HOH A O   1 
HETATM 785 O O   . HOH B 2 .  ? -2.227  -11.702 5.471   1.00 42.12 ? 103 HOH A O   1 
HETATM 786 O O   . HOH B 2 .  ? -10.308 5.287   -2.988  1.00 38.03 ? 104 HOH A O   1 
HETATM 787 O O   . HOH B 2 .  ? 17.996  11.452  -8.003  1.00 42.03 ? 105 HOH A O   1 
HETATM 788 O O   . HOH B 2 .  ? 3.425   0.711   -12.750 1.00 36.45 ? 106 HOH A O   1 
HETATM 789 O O   . HOH B 2 .  ? 19.166  2.640   -0.450  1.00 45.04 ? 107 HOH A O   1 
HETATM 790 O O   . HOH B 2 .  ? -5.346  7.252   -5.889  1.00 44.64 ? 108 HOH A O   1 
HETATM 791 O O   . HOH B 2 .  ? 7.163   -5.394  1.536   1.00 42.32 ? 109 HOH A O   1 
HETATM 792 O O   . HOH B 2 .  ? -0.165  -12.180 3.887   1.00 48.93 ? 110 HOH A O   1 
HETATM 793 O O   . HOH B 2 .  ? 9.468   -5.550  6.298   1.00 53.38 ? 111 HOH A O   1 
HETATM 794 O O   . HOH B 2 .  ? -4.990  -0.255  -4.369  1.00 51.11 ? 112 HOH A O   1 
HETATM 795 O O   . HOH B 2 .  ? -13.189 -5.327  -7.012  1.00 61.76 ? 113 HOH A O   1 
HETATM 796 O O   . HOH B 2 .  ? -2.881  4.305   -13.529 1.00 48.81 ? 114 HOH A O   1 
HETATM 797 O O   . HOH B 2 .  ? -10.346 -16.396 -6.932  1.00 47.03 ? 115 HOH A O   1 
HETATM 798 O O   . HOH B 2 .  ? 2.127   -1.763  -13.290 1.00 43.82 ? 116 HOH A O   1 
HETATM 799 O O   . HOH B 2 .  ? -6.844  8.253   -3.621  1.00 44.64 ? 117 HOH A O   1 
HETATM 800 O O   . HOH B 2 .  ? -5.261  11.938  -1.059  1.00 39.99 ? 118 HOH A O   1 
HETATM 801 O O   . HOH B 2 .  ? -3.369  13.600  -1.060  1.00 43.35 ? 119 HOH A O   1 
HETATM 802 O O   . HOH B 2 .  ? 20.633  14.656  -13.861 1.00 41.54 ? 120 HOH A O   1 
# 
